data_2QB7
#
_entry.id   2QB7
#
_cell.length_a   79.992
_cell.length_b   83.039
_cell.length_c   118.900
_cell.angle_alpha   90.00
_cell.angle_beta   90.00
_cell.angle_gamma   90.00
#
_symmetry.space_group_name_H-M   'P 21 21 21'
#
loop_
_entity.id
_entity.type
_entity.pdbx_description
1 polymer Exopolyphosphatase
2 non-polymer 'COBALT (II) ION'
3 non-polymer 'PHOSPHATE ION'
4 non-polymer 'ACETATE ION'
5 non-polymer 1,2-ETHANEDIOL
6 water water
#
_entity_poly.entity_id   1
_entity_poly.type   'polypeptide(L)'
_entity_poly.pdbx_seq_one_letter_code
;MSPLRKTVPEFLAHLKSLPISKIASNDVLTICVGNESADMDSIASAITYSYCQYIYNEGTYSEEKKKGSFIVPIIDIPRE
DLSLRRDVMYVLEKLKIKEEELFFIEDLKSLKQNVSQGTELNSYLVDNNDTPKNLKNYIDNVVGIIDHHFDLQKHLDAEP
RIVKVSGSCSSLVFNYWYEKLQGDREVVMNIAPLLMGAILIDTSNMRRKVEESDKLAIERCQAVLSGAVNEVSAQGLEDS
SEFYKEIKSRKNDIKGFSVSDILKKDYKQFNFQGKGHKGLEIGLSSIVKRMSWLFNEHGGEADFVNQCRRFQAERGLDVL
VLLTSWRKAGDSHRELVILGDSNVVRELIERVSDKLQLQLFGGNLDGGVAMFKQLNVEATRKQVVPYLEEAYSNLEE
;
_entity_poly.pdbx_strand_id   A,B
#
loop_
_chem_comp.id
_chem_comp.type
_chem_comp.name
_chem_comp.formula
ACT non-polymer 'ACETATE ION' 'C2 H3 O2 -1'
CO non-polymer 'COBALT (II) ION' 'Co 2'
EDO non-polymer 1,2-ETHANEDIOL 'C2 H6 O2'
PO4 non-polymer 'PHOSPHATE ION' 'O4 P -3'
#
# COMPACT_ATOMS: atom_id res chain seq x y z
N ARG A 5 -2.02 28.25 -25.69
CA ARG A 5 -2.26 27.16 -24.67
C ARG A 5 -2.15 27.68 -23.25
N LYS A 6 -3.29 27.87 -22.60
CA LYS A 6 -3.28 28.46 -21.29
C LYS A 6 -2.88 27.43 -20.26
N THR A 7 -2.08 27.86 -19.29
CA THR A 7 -1.79 27.09 -18.08
C THR A 7 -3.01 27.12 -17.18
N VAL A 8 -2.95 26.38 -16.08
CA VAL A 8 -4.09 26.38 -15.16
C VAL A 8 -4.42 27.77 -14.62
N PRO A 9 -3.43 28.49 -14.05
CA PRO A 9 -3.78 29.84 -13.61
C PRO A 9 -4.29 30.77 -14.71
N GLU A 10 -3.74 30.64 -15.91
CA GLU A 10 -4.18 31.45 -17.05
C GLU A 10 -5.65 31.13 -17.41
N PHE A 11 -5.98 29.84 -17.38
CA PHE A 11 -7.38 29.39 -17.59
C PHE A 11 -8.31 29.98 -16.53
N LEU A 12 -7.92 29.89 -15.27
CA LEU A 12 -8.73 30.43 -14.19
C LEU A 12 -8.90 31.94 -14.30
N ALA A 13 -7.81 32.64 -14.56
CA ALA A 13 -7.87 34.09 -14.75
C ALA A 13 -8.76 34.45 -15.96
N HIS A 14 -8.71 33.63 -17.02
CA HIS A 14 -9.59 33.85 -18.16
C HIS A 14 -11.04 33.73 -17.74
N LEU A 15 -11.41 32.70 -17.00
CA LEU A 15 -12.80 32.58 -16.52
C LEU A 15 -13.24 33.82 -15.73
N LYS A 16 -12.36 34.28 -14.85
CA LYS A 16 -12.64 35.44 -14.01
C LYS A 16 -12.84 36.69 -14.84
N SER A 17 -12.20 36.75 -16.01
CA SER A 17 -12.28 37.91 -16.89
C SER A 17 -13.56 37.95 -17.75
N LEU A 18 -14.29 36.84 -17.81
CA LEU A 18 -15.42 36.72 -18.72
C LEU A 18 -16.71 37.16 -18.06
N PRO A 19 -17.65 37.70 -18.86
CA PRO A 19 -19.00 37.89 -18.36
C PRO A 19 -19.67 36.55 -18.16
N ILE A 20 -20.56 36.47 -17.19
CA ILE A 20 -21.23 35.22 -16.88
C ILE A 20 -21.94 34.68 -18.14
N SER A 21 -22.45 35.59 -18.98
CA SER A 21 -23.09 35.22 -20.26
C SER A 21 -22.19 34.48 -21.26
N LYS A 22 -20.88 34.67 -21.18
CA LYS A 22 -19.91 33.96 -22.04
C LYS A 22 -19.40 32.66 -21.42
N ILE A 23 -19.71 32.48 -20.14
CA ILE A 23 -19.39 31.23 -19.46
C ILE A 23 -20.59 30.30 -19.67
N ALA A 24 -21.78 30.80 -19.41
CA ALA A 24 -23.01 30.06 -19.69
C ALA A 24 -23.21 29.85 -21.18
N SER A 25 -24.01 28.85 -21.53
CA SER A 25 -24.41 28.59 -22.90
C SER A 25 -25.88 28.14 -22.88
N ASN A 26 -26.72 28.73 -23.74
CA ASN A 26 -28.16 28.47 -23.82
C ASN A 26 -28.89 28.36 -22.46
N ASP A 27 -28.66 29.36 -21.63
CA ASP A 27 -29.29 29.48 -20.32
C ASP A 27 -28.96 28.31 -19.39
N VAL A 28 -27.76 27.73 -19.59
CA VAL A 28 -27.13 26.78 -18.64
C VAL A 28 -25.70 27.20 -18.30
N LEU A 29 -25.45 27.34 -17.01
CA LEU A 29 -24.12 27.60 -16.47
C LEU A 29 -23.66 26.28 -15.86
N THR A 30 -22.49 25.79 -16.28
CA THR A 30 -22.00 24.49 -15.79
C THR A 30 -20.80 24.68 -14.89
N ILE A 31 -20.83 23.98 -13.74
CA ILE A 31 -19.75 23.99 -12.77
C ILE A 31 -19.28 22.57 -12.54
N CYS A 32 -18.17 22.45 -11.81
CA CYS A 32 -17.70 21.17 -11.30
C CYS A 32 -17.32 21.42 -9.85
N VAL A 33 -17.87 20.62 -8.95
CA VAL A 33 -17.63 20.83 -7.54
C VAL A 33 -17.27 19.51 -6.86
N GLY A 34 -16.32 19.60 -5.93
CA GLY A 34 -15.97 18.50 -5.05
C GLY A 34 -16.89 18.42 -3.86
N ASN A 35 -16.43 17.77 -2.79
CA ASN A 35 -17.27 17.62 -1.61
C ASN A 35 -17.03 18.73 -0.60
N GLU A 36 -17.86 18.76 0.43
CA GLU A 36 -17.85 19.85 1.40
C GLU A 36 -16.59 19.90 2.26
N SER A 37 -15.78 18.85 2.27
CA SER A 37 -14.52 18.89 3.02
C SER A 37 -13.49 19.79 2.35
N ALA A 38 -13.62 19.99 1.04
CA ALA A 38 -12.69 20.86 0.28
C ALA A 38 -11.25 20.52 0.58
N ASP A 39 -10.97 19.22 0.59
CA ASP A 39 -9.61 18.74 0.79
C ASP A 39 -8.83 18.78 -0.54
N MET A 40 -7.58 18.35 -0.49
CA MET A 40 -6.73 18.33 -1.66
C MET A 40 -7.38 17.60 -2.82
N ASP A 41 -7.97 16.44 -2.52
CA ASP A 41 -8.61 15.64 -3.57
C ASP A 41 -9.77 16.41 -4.23
N SER A 42 -10.63 16.99 -3.42
CA SER A 42 -11.78 17.72 -3.96
C SER A 42 -11.36 18.95 -4.80
N ILE A 43 -10.34 19.64 -4.34
CA ILE A 43 -9.85 20.83 -5.04
C ILE A 43 -9.12 20.45 -6.32
N ALA A 44 -8.17 19.51 -6.23
CA ALA A 44 -7.44 19.02 -7.39
C ALA A 44 -8.36 18.41 -8.44
N SER A 45 -9.30 17.59 -8.00
CA SER A 45 -10.23 16.95 -8.91
C SER A 45 -11.09 17.95 -9.69
N ALA A 46 -11.62 18.97 -9.00
CA ALA A 46 -12.51 19.96 -9.67
C ALA A 46 -11.72 20.81 -10.66
N ILE A 47 -10.55 21.26 -10.26
CA ILE A 47 -9.74 22.12 -11.14
C ILE A 47 -9.27 21.31 -12.35
N THR A 48 -8.85 20.07 -12.11
CA THR A 48 -8.36 19.22 -13.20
C THR A 48 -9.47 18.96 -14.20
N TYR A 49 -10.66 18.61 -13.72
CA TYR A 49 -11.78 18.31 -14.60
C TYR A 49 -12.06 19.51 -15.50
N SER A 50 -12.21 20.67 -14.88
CA SER A 50 -12.52 21.90 -15.59
C SER A 50 -11.43 22.30 -16.58
N TYR A 51 -10.18 22.22 -16.14
CA TYR A 51 -9.07 22.59 -17.01
C TYR A 51 -8.93 21.64 -18.21
N CYS A 52 -9.01 20.34 -17.97
CA CYS A 52 -8.91 19.38 -19.05
C CYS A 52 -10.05 19.50 -20.04
N GLN A 53 -11.26 19.75 -19.56
CA GLN A 53 -12.38 19.97 -20.49
C GLN A 53 -12.09 21.16 -21.40
N TYR A 54 -11.55 22.23 -20.83
CA TYR A 54 -11.19 23.41 -21.60
C TYR A 54 -10.19 23.09 -22.71
N ILE A 55 -9.11 22.40 -22.35
CA ILE A 55 -8.08 22.04 -23.34
C ILE A 55 -8.65 21.11 -24.41
N TYR A 56 -9.43 20.13 -23.98
CA TYR A 56 -10.10 19.20 -24.91
C TYR A 56 -10.97 19.94 -25.94
N ASN A 57 -11.82 20.85 -25.45
CA ASN A 57 -12.74 21.57 -26.33
C ASN A 57 -12.02 22.47 -27.31
N GLU A 58 -10.83 22.96 -26.96
CA GLU A 58 -10.09 23.92 -27.78
C GLU A 58 -9.17 23.22 -28.79
N GLY A 59 -8.88 21.94 -28.56
CA GLY A 59 -7.89 21.21 -29.32
C GLY A 59 -8.46 20.31 -30.40
N THR A 60 -7.56 19.61 -31.09
CA THR A 60 -7.93 18.78 -32.24
C THR A 60 -8.56 17.43 -31.86
N TYR A 61 -8.47 17.06 -30.58
CA TYR A 61 -9.07 15.79 -30.11
C TYR A 61 -10.59 15.85 -30.27
N SER A 62 -11.16 17.04 -30.07
CA SER A 62 -12.61 17.22 -30.10
C SER A 62 -13.13 17.68 -31.46
N GLU A 63 -12.45 17.30 -32.54
CA GLU A 63 -12.96 17.54 -33.89
C GLU A 63 -13.95 16.44 -34.25
N GLU A 64 -15.00 16.79 -35.00
CA GLU A 64 -16.13 15.89 -35.33
C GLU A 64 -16.98 15.49 -34.11
N LYS A 65 -16.36 15.40 -32.94
CA LYS A 65 -17.06 15.68 -31.70
C LYS A 65 -17.26 17.19 -31.71
N LYS A 66 -18.05 17.75 -30.81
CA LYS A 66 -18.23 19.21 -30.79
C LYS A 66 -18.83 19.74 -29.48
N LYS A 67 -19.45 20.93 -29.57
CA LYS A 67 -20.20 21.55 -28.48
C LYS A 67 -19.21 22.02 -27.41
N GLY A 68 -19.42 21.63 -26.15
CA GLY A 68 -18.51 22.02 -25.10
C GLY A 68 -18.67 23.48 -24.72
N SER A 69 -18.98 23.70 -23.45
CA SER A 69 -18.99 25.03 -22.85
C SER A 69 -17.94 24.97 -21.76
N PHE A 70 -17.63 26.13 -21.19
CA PHE A 70 -16.71 26.19 -20.04
C PHE A 70 -17.37 25.50 -18.84
N ILE A 71 -16.52 24.93 -17.99
CA ILE A 71 -16.94 24.41 -16.69
C ILE A 71 -16.19 25.19 -15.62
N VAL A 72 -16.93 25.83 -14.71
CA VAL A 72 -16.29 26.62 -13.66
C VAL A 72 -16.01 25.67 -12.49
N PRO A 73 -14.74 25.53 -12.07
CA PRO A 73 -14.43 24.68 -10.93
C PRO A 73 -14.79 25.43 -9.66
N ILE A 74 -15.52 24.78 -8.75
CA ILE A 74 -15.94 25.37 -7.48
C ILE A 74 -15.31 24.62 -6.32
N ILE A 75 -14.90 25.38 -5.30
CA ILE A 75 -14.38 24.82 -4.05
C ILE A 75 -15.47 25.14 -3.00
N ASP A 76 -16.03 24.10 -2.38
CA ASP A 76 -17.25 24.26 -1.61
C ASP A 76 -17.01 24.69 -0.18
N ILE A 77 -16.37 25.84 -0.01
CA ILE A 77 -16.15 26.47 1.30
C ILE A 77 -16.13 27.97 1.09
N PRO A 78 -16.25 28.74 2.17
CA PRO A 78 -15.98 30.18 2.09
C PRO A 78 -14.53 30.43 1.68
N ARG A 79 -14.30 31.48 0.88
CA ARG A 79 -12.97 31.85 0.43
C ARG A 79 -11.95 31.93 1.57
N GLU A 80 -12.36 32.50 2.69
CA GLU A 80 -11.48 32.69 3.82
C GLU A 80 -10.96 31.36 4.37
N ASP A 81 -11.70 30.27 4.16
CA ASP A 81 -11.34 28.98 4.76
C ASP A 81 -10.20 28.30 4.00
N LEU A 82 -9.88 28.74 2.79
CA LEU A 82 -8.83 28.07 2.03
C LEU A 82 -7.50 27.98 2.80
N SER A 83 -7.14 29.05 3.48
CA SER A 83 -5.84 29.12 4.16
C SER A 83 -5.71 28.15 5.31
N LEU A 84 -6.82 27.56 5.76
CA LEU A 84 -6.75 26.52 6.78
C LEU A 84 -6.19 25.21 6.25
N ARG A 85 -6.12 25.06 4.92
CA ARG A 85 -5.54 23.87 4.32
C ARG A 85 -4.12 24.21 3.86
N ARG A 86 -3.17 24.16 4.79
CA ARG A 86 -1.80 24.58 4.47
C ARG A 86 -1.16 23.72 3.39
N ASP A 87 -1.52 22.45 3.32
CA ASP A 87 -1.08 21.56 2.24
C ASP A 87 -1.57 22.07 0.87
N VAL A 88 -2.84 22.40 0.78
CA VAL A 88 -3.40 22.86 -0.48
C VAL A 88 -2.75 24.18 -0.89
N MET A 89 -2.53 25.06 0.07
CA MET A 89 -1.90 26.36 -0.24
C MET A 89 -0.53 26.14 -0.90
N TYR A 90 0.24 25.20 -0.36
CA TYR A 90 1.57 24.90 -0.87
C TYR A 90 1.49 24.42 -2.32
N VAL A 91 0.54 23.55 -2.60
CA VAL A 91 0.40 22.96 -3.92
C VAL A 91 -0.07 24.05 -4.90
N LEU A 92 -1.03 24.86 -4.49
CA LEU A 92 -1.49 25.95 -5.36
C LEU A 92 -0.35 26.91 -5.71
N GLU A 93 0.52 27.16 -4.73
CA GLU A 93 1.69 28.02 -4.91
C GLU A 93 2.67 27.46 -5.94
N LYS A 94 2.88 26.14 -5.93
CA LYS A 94 3.74 25.48 -6.93
C LYS A 94 3.27 25.73 -8.36
N LEU A 95 1.97 25.84 -8.55
CA LEU A 95 1.40 26.13 -9.86
C LEU A 95 1.10 27.62 -10.10
N LYS A 96 1.40 28.47 -9.12
CA LYS A 96 1.14 29.90 -9.22
C LYS A 96 -0.35 30.21 -9.40
N ILE A 97 -1.19 29.40 -8.76
CA ILE A 97 -2.61 29.64 -8.72
C ILE A 97 -2.87 30.55 -7.54
N LYS A 98 -3.36 31.75 -7.83
CA LYS A 98 -3.70 32.74 -6.81
C LYS A 98 -5.09 32.51 -6.26
N GLU A 99 -5.31 32.79 -4.97
CA GLU A 99 -6.64 32.61 -4.41
C GLU A 99 -7.71 33.43 -5.15
N GLU A 100 -7.36 34.61 -5.64
CA GLU A 100 -8.32 35.46 -6.35
C GLU A 100 -8.71 34.90 -7.73
N GLU A 101 -7.99 33.87 -8.21
CA GLU A 101 -8.32 33.16 -9.44
C GLU A 101 -9.27 32.00 -9.21
N LEU A 102 -9.55 31.67 -7.95
CA LEU A 102 -10.38 30.52 -7.61
C LEU A 102 -11.81 30.95 -7.33
N PHE A 103 -12.69 29.97 -7.36
CA PHE A 103 -14.12 30.19 -7.16
C PHE A 103 -14.57 29.40 -5.93
N PHE A 104 -15.18 30.11 -5.00
CA PHE A 104 -15.64 29.57 -3.73
C PHE A 104 -17.16 29.69 -3.62
N ILE A 105 -17.70 29.41 -2.44
CA ILE A 105 -19.14 29.51 -2.24
C ILE A 105 -19.65 30.91 -2.56
N GLU A 106 -18.91 31.94 -2.13
CA GLU A 106 -19.30 33.32 -2.41
C GLU A 106 -19.41 33.55 -3.89
N ASP A 107 -18.51 32.96 -4.66
CA ASP A 107 -18.50 33.12 -6.12
C ASP A 107 -19.66 32.38 -6.77
N LEU A 108 -19.96 31.19 -6.27
CA LEU A 108 -21.07 30.41 -6.78
C LEU A 108 -22.38 31.14 -6.50
N LYS A 109 -22.52 31.72 -5.30
CA LYS A 109 -23.69 32.56 -4.98
C LYS A 109 -23.81 33.75 -5.94
N SER A 110 -22.70 34.41 -6.20
CA SER A 110 -22.67 35.51 -7.17
C SER A 110 -23.09 35.04 -8.57
N LEU A 111 -22.63 33.84 -8.95
CA LEU A 111 -23.01 33.24 -10.24
C LEU A 111 -24.51 32.95 -10.35
N LYS A 112 -25.08 32.34 -9.31
CA LYS A 112 -26.52 32.08 -9.28
C LYS A 112 -27.26 33.41 -9.33
N GLN A 113 -26.69 34.46 -8.73
CA GLN A 113 -27.34 35.78 -8.64
C GLN A 113 -27.22 36.64 -9.89
N ASN A 114 -25.99 36.82 -10.36
CA ASN A 114 -25.71 37.76 -11.45
C ASN A 114 -26.10 37.26 -12.84
N VAL A 115 -26.43 35.98 -12.95
CA VAL A 115 -26.93 35.41 -14.19
C VAL A 115 -28.46 35.61 -14.24
N SER A 116 -29.08 35.22 -15.35
CA SER A 116 -30.53 35.37 -15.51
C SER A 116 -31.27 34.46 -14.52
N GLN A 117 -32.49 34.84 -14.10
CA GLN A 117 -33.26 33.95 -13.24
C GLN A 117 -33.70 32.69 -14.00
N GLY A 118 -33.83 32.78 -15.32
CA GLY A 118 -34.17 31.61 -16.14
C GLY A 118 -33.01 30.71 -16.56
N THR A 119 -31.81 30.99 -16.05
CA THR A 119 -30.60 30.20 -16.36
C THR A 119 -30.47 29.02 -15.38
N GLU A 120 -30.26 27.81 -15.91
CA GLU A 120 -30.02 26.62 -15.06
C GLU A 120 -28.57 26.50 -14.65
N LEU A 121 -28.33 26.05 -13.43
CA LEU A 121 -26.97 25.80 -12.95
C LEU A 121 -26.79 24.30 -12.80
N ASN A 122 -26.05 23.71 -13.73
CA ASN A 122 -25.79 22.28 -13.76
C ASN A 122 -24.39 21.97 -13.26
N SER A 123 -24.21 20.82 -12.61
CA SER A 123 -22.92 20.51 -12.03
C SER A 123 -22.40 19.12 -12.37
N TYR A 124 -21.11 19.06 -12.69
CA TYR A 124 -20.35 17.83 -12.60
C TYR A 124 -19.97 17.68 -11.15
N LEU A 125 -20.02 16.44 -10.64
CA LEU A 125 -19.58 16.15 -9.27
C LEU A 125 -18.30 15.36 -9.34
N VAL A 126 -17.30 15.78 -8.56
CA VAL A 126 -16.10 14.98 -8.34
C VAL A 126 -15.92 14.77 -6.87
N ASP A 127 -15.40 13.61 -6.46
CA ASP A 127 -15.11 13.34 -5.05
C ASP A 127 -16.36 13.32 -4.17
N ASN A 128 -17.54 13.27 -4.82
CA ASN A 128 -18.79 12.85 -4.23
C ASN A 128 -19.74 12.44 -5.34
N ASN A 129 -20.82 11.76 -5.00
CA ASN A 129 -21.75 11.32 -6.07
C ASN A 129 -23.21 11.77 -5.85
N ASP A 130 -23.42 12.65 -4.89
CA ASP A 130 -24.65 13.43 -4.82
C ASP A 130 -24.25 14.85 -4.43
N THR A 131 -25.10 15.80 -4.73
CA THR A 131 -24.81 17.19 -4.54
C THR A 131 -24.54 17.52 -3.06
N PRO A 132 -23.47 18.29 -2.77
CA PRO A 132 -23.30 18.73 -1.39
C PRO A 132 -24.57 19.39 -0.85
N LYS A 133 -24.94 19.04 0.39
CA LYS A 133 -26.22 19.49 0.92
C LYS A 133 -26.32 21.01 0.94
N ASN A 134 -25.21 21.68 1.22
CA ASN A 134 -25.22 23.14 1.30
C ASN A 134 -25.46 23.81 -0.06
N LEU A 135 -25.31 23.05 -1.15
CA LEU A 135 -25.53 23.59 -2.49
C LEU A 135 -26.81 23.12 -3.18
N LYS A 136 -27.69 22.46 -2.45
CA LYS A 136 -28.89 21.89 -3.09
C LYS A 136 -29.91 22.93 -3.56
N ASN A 137 -29.82 24.17 -3.10
CA ASN A 137 -30.67 25.24 -3.65
C ASN A 137 -29.96 26.07 -4.73
N TYR A 138 -28.75 25.67 -5.10
CA TYR A 138 -28.02 26.35 -6.18
C TYR A 138 -27.94 25.48 -7.43
N ILE A 139 -27.78 24.17 -7.24
CA ILE A 139 -27.57 23.25 -8.36
C ILE A 139 -28.90 22.64 -8.81
N ASP A 140 -29.23 22.88 -10.08
CA ASP A 140 -30.48 22.40 -10.67
C ASP A 140 -30.38 20.95 -11.12
N ASN A 141 -29.27 20.57 -11.76
CA ASN A 141 -29.10 19.22 -12.30
C ASN A 141 -27.67 18.76 -12.15
N VAL A 142 -27.49 17.47 -11.90
CA VAL A 142 -26.18 16.83 -11.92
C VAL A 142 -26.02 16.20 -13.28
N VAL A 143 -24.95 16.55 -13.99
CA VAL A 143 -24.77 16.05 -15.35
C VAL A 143 -23.68 15.01 -15.57
N GLY A 144 -22.72 14.91 -14.65
CA GLY A 144 -21.66 13.91 -14.74
C GLY A 144 -21.06 13.69 -13.36
N ILE A 145 -20.48 12.52 -13.15
CA ILE A 145 -19.88 12.16 -11.86
C ILE A 145 -18.60 11.36 -12.04
N ILE A 146 -17.55 11.75 -11.31
CA ILE A 146 -16.38 10.90 -11.13
C ILE A 146 -16.06 10.89 -9.63
N ASP A 147 -16.16 9.71 -9.01
CA ASP A 147 -16.03 9.62 -7.56
C ASP A 147 -15.50 8.27 -7.12
N HIS A 148 -15.07 8.20 -5.87
CA HIS A 148 -14.53 7.00 -5.27
C HIS A 148 -15.11 6.71 -3.88
N HIS A 149 -16.32 7.19 -3.63
CA HIS A 149 -17.02 6.96 -2.35
C HIS A 149 -18.11 5.94 -2.56
N PHE A 150 -18.75 5.52 -1.46
CA PHE A 150 -19.90 4.63 -1.53
C PHE A 150 -20.92 5.19 -2.53
N ASP A 151 -21.39 4.33 -3.42
CA ASP A 151 -22.29 4.77 -4.48
C ASP A 151 -23.73 4.87 -3.97
N LEU A 152 -24.22 6.09 -3.89
CA LEU A 152 -25.60 6.36 -3.44
C LEU A 152 -26.64 6.03 -4.51
N GLN A 153 -26.18 5.69 -5.72
CA GLN A 153 -27.05 5.21 -6.80
C GLN A 153 -28.07 6.24 -7.29
N LYS A 154 -27.66 7.51 -7.22
CA LYS A 154 -28.44 8.63 -7.74
C LYS A 154 -27.83 9.12 -9.05
N HIS A 155 -28.60 9.87 -9.83
CA HIS A 155 -28.10 10.45 -11.07
C HIS A 155 -27.55 9.37 -11.98
N LEU A 156 -28.33 8.31 -12.17
CA LEU A 156 -27.84 7.16 -12.94
C LEU A 156 -27.65 7.45 -14.43
N ASP A 157 -28.21 8.56 -14.91
CA ASP A 157 -28.03 8.98 -16.30
C ASP A 157 -26.88 9.97 -16.49
N ALA A 158 -26.15 10.25 -15.43
CA ALA A 158 -24.97 11.15 -15.51
C ALA A 158 -23.97 10.62 -16.55
N GLU A 159 -23.31 11.57 -17.23
CA GLU A 159 -22.30 11.26 -18.23
C GLU A 159 -21.09 12.20 -18.04
N PRO A 160 -19.93 11.66 -17.66
CA PRO A 160 -19.66 10.27 -17.35
C PRO A 160 -20.30 9.92 -16.02
N ARG A 161 -20.27 8.65 -15.67
CA ARG A 161 -20.65 8.24 -14.31
C ARG A 161 -19.71 7.14 -13.88
N ILE A 162 -18.62 7.57 -13.24
CA ILE A 162 -17.58 6.69 -12.75
C ILE A 162 -17.61 6.79 -11.23
N VAL A 163 -18.02 5.71 -10.59
CA VAL A 163 -17.94 5.61 -9.12
C VAL A 163 -17.24 4.29 -8.85
N LYS A 164 -15.96 4.37 -8.51
CA LYS A 164 -15.08 3.21 -8.50
C LYS A 164 -14.08 3.35 -7.38
N VAL A 165 -13.56 2.22 -6.91
CA VAL A 165 -12.49 2.24 -5.90
C VAL A 165 -11.25 2.97 -6.43
N SER A 166 -10.68 3.81 -5.56
CA SER A 166 -9.47 4.54 -5.88
C SER A 166 -8.90 5.13 -4.59
N GLY A 167 -7.57 5.17 -4.48
CA GLY A 167 -6.94 5.87 -3.36
C GLY A 167 -7.33 7.34 -3.37
N SER A 168 -7.30 7.93 -4.57
CA SER A 168 -7.63 9.33 -4.77
C SER A 168 -8.62 9.47 -5.91
N CYS A 169 -9.63 10.30 -5.75
CA CYS A 169 -10.53 10.62 -6.86
C CYS A 169 -9.76 11.23 -8.02
N SER A 170 -8.77 12.04 -7.68
CA SER A 170 -7.95 12.71 -8.66
C SER A 170 -7.39 11.73 -9.71
N SER A 171 -7.07 10.51 -9.31
CA SER A 171 -6.52 9.50 -10.25
C SER A 171 -7.55 9.15 -11.32
N LEU A 172 -8.80 8.98 -10.88
CA LEU A 172 -9.89 8.64 -11.76
C LEU A 172 -10.19 9.77 -12.75
N VAL A 173 -10.20 11.00 -12.24
CA VAL A 173 -10.41 12.18 -13.07
C VAL A 173 -9.30 12.32 -14.11
N PHE A 174 -8.06 12.19 -13.65
CA PHE A 174 -6.90 12.31 -14.53
C PHE A 174 -6.89 11.25 -15.61
N ASN A 175 -7.10 9.99 -15.22
CA ASN A 175 -7.03 8.93 -16.22
C ASN A 175 -8.12 9.09 -17.29
N TYR A 176 -9.33 9.49 -16.87
CA TYR A 176 -10.44 9.79 -17.79
C TYR A 176 -10.03 10.83 -18.84
N TRP A 177 -9.51 11.95 -18.36
CA TRP A 177 -9.08 13.03 -19.25
C TRP A 177 -7.83 12.73 -20.07
N TYR A 178 -6.91 11.98 -19.48
CA TYR A 178 -5.67 11.64 -20.17
C TYR A 178 -5.99 10.87 -21.44
N GLU A 179 -6.95 9.96 -21.36
CA GLU A 179 -7.37 9.19 -22.55
C GLU A 179 -8.00 10.09 -23.60
N LYS A 180 -8.89 10.98 -23.18
CA LYS A 180 -9.55 11.91 -24.10
C LYS A 180 -8.56 12.85 -24.76
N LEU A 181 -7.51 13.21 -24.02
CA LEU A 181 -6.47 14.14 -24.50
C LEU A 181 -5.28 13.43 -25.16
N GLN A 182 -5.42 12.14 -25.39
CA GLN A 182 -4.35 11.32 -25.97
C GLN A 182 -2.99 11.55 -25.30
N GLY A 183 -3.00 11.62 -23.98
CA GLY A 183 -1.77 11.75 -23.20
C GLY A 183 -1.03 13.08 -23.30
N ASP A 184 -1.74 14.12 -23.72
CA ASP A 184 -1.15 15.45 -23.91
C ASP A 184 -0.14 15.80 -22.81
N ARG A 185 1.14 15.78 -23.15
CA ARG A 185 2.20 15.94 -22.18
C ARG A 185 2.21 17.29 -21.50
N GLU A 186 1.81 18.34 -22.23
CA GLU A 186 1.75 19.70 -21.68
C GLU A 186 0.70 19.82 -20.60
N VAL A 187 -0.46 19.25 -20.84
CA VAL A 187 -1.52 19.23 -19.83
C VAL A 187 -0.99 18.52 -18.58
N VAL A 188 -0.32 17.38 -18.78
CA VAL A 188 0.21 16.62 -17.63
C VAL A 188 1.21 17.47 -16.84
N MET A 189 2.16 18.10 -17.53
CA MET A 189 3.10 18.99 -16.85
C MET A 189 2.37 20.10 -16.09
N ASN A 190 1.31 20.64 -16.69
CA ASN A 190 0.59 21.80 -16.15
C ASN A 190 -0.27 21.49 -14.93
N ILE A 191 -0.64 20.22 -14.77
CA ILE A 191 -1.48 19.81 -13.63
C ILE A 191 -0.75 18.92 -12.63
N ALA A 192 0.44 18.44 -12.98
CA ALA A 192 1.10 17.41 -12.15
C ALA A 192 1.17 17.70 -10.64
N PRO A 193 1.57 18.92 -10.24
CA PRO A 193 1.67 19.14 -8.79
C PRO A 193 0.32 19.01 -8.09
N LEU A 194 -0.75 19.41 -8.75
CA LEU A 194 -2.08 19.35 -8.17
C LEU A 194 -2.54 17.89 -8.07
N LEU A 195 -2.42 17.17 -9.17
CA LEU A 195 -2.75 15.77 -9.24
C LEU A 195 -1.93 14.94 -8.25
N MET A 196 -0.61 15.10 -8.29
CA MET A 196 0.26 14.35 -7.38
C MET A 196 0.03 14.74 -5.94
N GLY A 197 -0.28 16.00 -5.70
CA GLY A 197 -0.61 16.43 -4.34
C GLY A 197 -1.74 15.59 -3.77
N ALA A 198 -2.80 15.45 -4.54
CA ALA A 198 -3.93 14.67 -4.11
C ALA A 198 -3.60 13.18 -4.02
N ILE A 199 -2.97 12.62 -5.05
CA ILE A 199 -2.71 11.19 -5.02
C ILE A 199 -1.80 10.85 -3.84
N LEU A 200 -0.72 11.61 -3.67
CA LEU A 200 0.24 11.25 -2.65
C LEU A 200 -0.28 11.48 -1.23
N ILE A 201 -1.05 12.54 -1.01
CA ILE A 201 -1.63 12.71 0.32
C ILE A 201 -2.64 11.59 0.60
N ASP A 202 -3.47 11.24 -0.38
CA ASP A 202 -4.55 10.30 -0.16
C ASP A 202 -4.03 8.88 0.07
N THR A 203 -2.89 8.55 -0.55
CA THR A 203 -2.31 7.20 -0.46
C THR A 203 -1.08 7.14 0.45
N SER A 204 -0.84 8.20 1.22
CA SER A 204 0.34 8.27 2.08
C SER A 204 1.60 7.91 1.27
N ASN A 205 1.78 8.57 0.14
CA ASN A 205 2.91 8.37 -0.76
C ASN A 205 2.95 6.97 -1.37
N MET A 206 1.79 6.57 -1.89
CA MET A 206 1.61 5.31 -2.59
C MET A 206 1.92 4.07 -1.74
N ARG A 207 1.67 4.19 -0.44
CA ARG A 207 1.89 3.11 0.52
C ARG A 207 0.62 2.56 1.18
N ARG A 208 -0.50 3.28 1.04
CA ARG A 208 -1.79 2.87 1.60
C ARG A 208 -2.91 3.20 0.62
N LYS A 209 -3.99 2.42 0.63
CA LYS A 209 -5.19 2.71 -0.16
C LYS A 209 -4.96 2.73 -1.68
N VAL A 210 -3.86 2.15 -2.15
CA VAL A 210 -3.49 2.19 -3.56
C VAL A 210 -4.39 1.26 -4.35
N GLU A 211 -4.91 1.80 -5.45
CA GLU A 211 -5.65 1.04 -6.44
C GLU A 211 -5.00 1.16 -7.81
N GLU A 212 -5.50 0.38 -8.76
CA GLU A 212 -4.95 0.38 -10.12
C GLU A 212 -4.99 1.77 -10.73
N SER A 213 -6.07 2.49 -10.46
CA SER A 213 -6.23 3.86 -10.92
C SER A 213 -5.05 4.75 -10.51
N ASP A 214 -4.68 4.68 -9.24
CA ASP A 214 -3.61 5.52 -8.73
C ASP A 214 -2.28 5.11 -9.36
N LYS A 215 -2.05 3.81 -9.48
CA LYS A 215 -0.80 3.32 -10.09
C LYS A 215 -0.64 3.83 -11.51
N LEU A 216 -1.74 3.81 -12.25
CA LEU A 216 -1.72 4.24 -13.65
C LEU A 216 -1.50 5.74 -13.76
N ALA A 217 -2.15 6.52 -12.89
CA ALA A 217 -2.01 7.97 -12.91
C ALA A 217 -0.57 8.35 -12.62
N ILE A 218 0.02 7.68 -11.64
CA ILE A 218 1.41 7.94 -11.25
C ILE A 218 2.36 7.52 -12.39
N GLU A 219 2.10 6.37 -12.99
CA GLU A 219 2.95 5.90 -14.10
C GLU A 219 2.98 6.95 -15.21
N ARG A 220 1.82 7.50 -15.52
CA ARG A 220 1.64 8.49 -16.56
C ARG A 220 2.37 9.80 -16.24
N CYS A 221 2.28 10.26 -15.00
CA CYS A 221 3.02 11.43 -14.58
C CYS A 221 4.52 11.18 -14.63
N GLN A 222 4.97 10.03 -14.15
CA GLN A 222 6.40 9.72 -14.18
C GLN A 222 6.97 9.81 -15.58
N ALA A 223 6.26 9.22 -16.55
CA ALA A 223 6.70 9.19 -17.94
C ALA A 223 6.92 10.59 -18.47
N VAL A 224 5.99 11.49 -18.14
CA VAL A 224 6.04 12.85 -18.63
C VAL A 224 7.12 13.68 -17.94
N LEU A 225 7.19 13.58 -16.62
CA LEU A 225 8.13 14.38 -15.83
C LEU A 225 9.59 13.98 -16.06
N SER A 226 9.82 12.73 -16.44
CA SER A 226 11.18 12.25 -16.76
C SER A 226 11.63 12.75 -18.12
N GLY A 227 10.70 12.75 -19.07
CA GLY A 227 11.00 13.12 -20.44
C GLY A 227 11.82 12.02 -21.09
N ALA A 228 12.55 12.40 -22.14
CA ALA A 228 13.42 11.48 -22.84
C ALA A 228 14.66 11.19 -22.01
N VAL A 229 14.75 9.95 -21.52
CA VAL A 229 15.91 9.50 -20.72
C VAL A 229 16.33 8.07 -21.13
N ASN A 230 17.63 7.81 -21.06
CA ASN A 230 18.20 6.53 -21.48
C ASN A 230 18.08 5.46 -20.40
N GLU A 231 17.93 5.91 -19.17
CA GLU A 231 17.64 5.02 -18.06
C GLU A 231 16.91 5.85 -17.02
N VAL A 232 16.29 5.17 -16.07
CA VAL A 232 15.45 5.83 -15.07
C VAL A 232 16.25 5.97 -13.77
N SER A 233 16.55 7.21 -13.39
CA SER A 233 17.28 7.46 -12.15
C SER A 233 16.31 7.45 -10.98
N ALA A 234 16.87 7.52 -9.78
CA ALA A 234 16.06 7.59 -8.58
C ALA A 234 15.53 9.00 -8.32
N GLN A 235 15.98 9.97 -9.09
CA GLN A 235 15.61 11.38 -8.82
C GLN A 235 14.10 11.67 -8.79
N GLY A 236 13.31 11.12 -9.72
CA GLY A 236 11.88 11.37 -9.77
C GLY A 236 11.17 10.99 -8.50
N LEU A 237 11.48 9.79 -8.01
CA LEU A 237 10.85 9.32 -6.78
C LEU A 237 11.38 10.09 -5.58
N GLU A 238 12.65 10.47 -5.60
CA GLU A 238 13.22 11.28 -4.54
C GLU A 238 12.47 12.62 -4.47
N ASP A 239 12.21 13.22 -5.63
CA ASP A 239 11.48 14.49 -5.70
C ASP A 239 10.03 14.34 -5.20
N SER A 240 9.38 13.24 -5.59
CA SER A 240 8.03 12.97 -5.10
C SER A 240 8.02 12.82 -3.58
N SER A 241 9.04 12.19 -3.03
CA SER A 241 9.14 11.99 -1.60
C SER A 241 9.32 13.33 -0.88
N GLU A 242 10.16 14.22 -1.41
CA GLU A 242 10.36 15.54 -0.79
C GLU A 242 9.07 16.32 -0.85
N PHE A 243 8.37 16.24 -1.99
CA PHE A 243 7.08 16.90 -2.18
C PHE A 243 6.06 16.36 -1.19
N TYR A 244 6.00 15.04 -1.04
CA TYR A 244 5.10 14.43 -0.06
C TYR A 244 5.37 14.94 1.37
N LYS A 245 6.62 14.98 1.78
CA LYS A 245 6.92 15.45 3.13
C LYS A 245 6.43 16.88 3.34
N GLU A 246 6.54 17.72 2.33
CA GLU A 246 6.08 19.12 2.44
C GLU A 246 4.57 19.14 2.63
N ILE A 247 3.85 18.44 1.77
CA ILE A 247 2.39 18.44 1.87
C ILE A 247 1.87 17.77 3.13
N LYS A 248 2.47 16.64 3.50
CA LYS A 248 2.03 15.90 4.69
C LYS A 248 2.28 16.71 5.97
N SER A 249 3.46 17.29 6.07
CA SER A 249 3.79 18.10 7.22
C SER A 249 2.80 19.29 7.34
N ARG A 250 2.43 19.88 6.21
CA ARG A 250 1.51 21.02 6.22
C ARG A 250 0.06 20.60 6.55
N LYS A 251 -0.36 19.43 6.07
CA LYS A 251 -1.66 18.90 6.47
C LYS A 251 -1.66 18.63 7.97
N ASN A 252 -0.52 18.19 8.49
CA ASN A 252 -0.41 17.89 9.93
C ASN A 252 -0.23 19.14 10.80
N ASP A 253 -0.16 20.33 10.20
CA ASP A 253 0.12 21.56 10.93
C ASP A 253 -1.16 22.37 11.15
N ILE A 254 -1.70 22.30 12.36
CA ILE A 254 -2.84 23.15 12.74
C ILE A 254 -2.51 24.12 13.88
N LYS A 255 -1.22 24.34 14.11
CA LYS A 255 -0.76 25.34 15.07
C LYS A 255 -1.24 26.71 14.65
N GLY A 256 -1.74 27.49 15.60
CA GLY A 256 -2.21 28.85 15.33
C GLY A 256 -3.67 28.96 14.93
N PHE A 257 -4.31 27.83 14.62
CA PHE A 257 -5.71 27.83 14.26
C PHE A 257 -6.57 27.87 15.51
N SER A 258 -7.76 28.42 15.38
CA SER A 258 -8.77 28.41 16.45
C SER A 258 -9.44 27.05 16.50
N VAL A 259 -10.16 26.78 17.58
CA VAL A 259 -10.92 25.53 17.66
C VAL A 259 -11.94 25.45 16.52
N SER A 260 -12.66 26.54 16.29
CA SER A 260 -13.63 26.59 15.19
C SER A 260 -12.97 26.27 13.84
N ASP A 261 -11.78 26.85 13.61
CA ASP A 261 -10.99 26.55 12.43
C ASP A 261 -10.75 25.05 12.29
N ILE A 262 -10.28 24.44 13.37
CA ILE A 262 -9.94 23.03 13.38
C ILE A 262 -11.18 22.16 13.13
N LEU A 263 -12.28 22.51 13.76
CA LEU A 263 -13.53 21.78 13.55
C LEU A 263 -14.11 21.93 12.14
N LYS A 264 -13.93 23.08 11.50
CA LYS A 264 -14.51 23.31 10.19
C LYS A 264 -13.63 22.97 9.00
N LYS A 265 -12.34 22.76 9.21
CA LYS A 265 -11.43 22.63 8.08
C LYS A 265 -11.43 21.29 7.34
N ASP A 266 -11.99 20.25 7.96
CA ASP A 266 -12.18 18.97 7.27
C ASP A 266 -13.41 18.32 7.87
N TYR A 267 -14.55 18.86 7.46
CA TYR A 267 -15.82 18.68 8.12
C TYR A 267 -16.88 18.21 7.13
N LYS A 268 -17.69 17.23 7.56
CA LYS A 268 -18.82 16.77 6.78
C LYS A 268 -20.05 16.65 7.68
N GLN A 269 -21.20 16.99 7.12
CA GLN A 269 -22.48 17.02 7.84
C GLN A 269 -23.49 16.14 7.11
N PHE A 270 -24.31 15.44 7.88
CA PHE A 270 -25.26 14.47 7.34
C PHE A 270 -26.56 14.64 8.08
N ASN A 271 -27.65 14.20 7.44
CA ASN A 271 -28.88 13.98 8.16
C ASN A 271 -29.25 12.50 8.02
N PHE A 272 -29.29 11.80 9.15
CA PHE A 272 -29.61 10.38 9.17
C PHE A 272 -31.12 10.27 9.33
N GLN A 273 -31.74 9.41 8.52
CA GLN A 273 -33.15 9.13 8.73
C GLN A 273 -33.25 7.85 9.56
N GLY A 274 -34.16 7.87 10.53
CA GLY A 274 -34.37 6.74 11.41
C GLY A 274 -35.80 6.28 11.32
N LYS A 275 -36.25 5.58 12.35
CA LYS A 275 -37.64 5.16 12.46
C LYS A 275 -38.52 6.37 12.75
N GLY A 276 -37.93 7.37 13.42
CA GLY A 276 -38.58 8.66 13.63
C GLY A 276 -38.57 9.48 12.36
N HIS A 277 -39.59 10.34 12.22
CA HIS A 277 -39.77 11.14 11.00
C HIS A 277 -38.83 12.34 10.94
N LYS A 278 -38.32 12.78 12.10
CA LYS A 278 -37.25 13.76 12.12
C LYS A 278 -35.91 13.01 12.19
N GLY A 279 -35.01 13.35 11.29
CA GLY A 279 -33.72 12.68 11.24
C GLY A 279 -32.78 13.16 12.33
N LEU A 280 -31.52 12.77 12.19
CA LEU A 280 -30.48 13.21 13.11
C LEU A 280 -29.50 14.06 12.30
N GLU A 281 -29.36 15.32 12.70
CA GLU A 281 -28.36 16.21 12.08
C GLU A 281 -27.04 15.99 12.80
N ILE A 282 -26.06 15.47 12.07
CA ILE A 282 -24.79 15.07 12.68
C ILE A 282 -23.64 15.61 11.85
N GLY A 283 -22.66 16.17 12.56
CA GLY A 283 -21.45 16.72 11.93
C GLY A 283 -20.25 15.96 12.45
N LEU A 284 -19.28 15.70 11.55
CA LEU A 284 -18.08 14.97 11.91
C LEU A 284 -16.86 15.74 11.41
N SER A 285 -16.00 16.11 12.36
CA SER A 285 -14.75 16.84 12.10
C SER A 285 -13.58 15.89 12.21
N SER A 286 -12.78 15.81 11.16
CA SER A 286 -11.58 14.98 11.13
C SER A 286 -10.40 15.86 11.46
N ILE A 287 -9.60 15.40 12.41
CA ILE A 287 -8.54 16.24 13.00
C ILE A 287 -7.23 15.45 13.08
N VAL A 288 -6.10 16.12 12.85
CA VAL A 288 -4.79 15.45 12.71
C VAL A 288 -3.91 15.42 13.96
N LYS A 289 -4.42 15.95 15.08
CA LYS A 289 -3.72 15.90 16.36
C LYS A 289 -4.64 15.29 17.40
N ARG A 290 -4.03 14.71 18.43
CA ARG A 290 -4.78 14.04 19.51
C ARG A 290 -5.42 15.04 20.46
N MET A 291 -6.42 14.58 21.20
CA MET A 291 -7.17 15.45 22.13
C MET A 291 -6.27 16.14 23.15
N SER A 292 -5.31 15.44 23.75
CA SER A 292 -4.44 16.08 24.72
C SER A 292 -3.65 17.27 24.12
N TRP A 293 -3.28 17.16 22.85
CA TRP A 293 -2.58 18.23 22.15
C TRP A 293 -3.53 19.40 21.94
N LEU A 294 -4.74 19.09 21.47
CA LEU A 294 -5.75 20.13 21.25
C LEU A 294 -6.09 20.86 22.53
N PHE A 295 -6.25 20.14 23.63
CA PHE A 295 -6.53 20.79 24.91
C PHE A 295 -5.40 21.73 25.32
N ASN A 296 -4.16 21.27 25.17
CA ASN A 296 -3.00 22.07 25.59
C ASN A 296 -2.84 23.36 24.79
N GLU A 297 -3.25 23.33 23.52
CA GLU A 297 -3.12 24.49 22.62
C GLU A 297 -4.28 25.47 22.73
N HIS A 298 -5.34 25.06 23.44
CA HIS A 298 -6.60 25.80 23.45
C HIS A 298 -7.16 26.04 24.84
N GLY A 299 -6.26 26.21 25.80
CA GLY A 299 -6.65 26.68 27.13
C GLY A 299 -7.11 25.58 28.06
N GLY A 300 -6.97 24.32 27.64
CA GLY A 300 -7.38 23.18 28.44
C GLY A 300 -8.69 22.57 28.00
N GLU A 301 -9.00 21.43 28.59
CA GLU A 301 -10.18 20.65 28.25
C GLU A 301 -11.48 21.44 28.29
N ALA A 302 -11.72 22.16 29.39
CA ALA A 302 -12.99 22.87 29.53
C ALA A 302 -13.20 23.92 28.42
N ASP A 303 -12.19 24.73 28.18
CA ASP A 303 -12.26 25.76 27.14
C ASP A 303 -12.49 25.11 25.77
N PHE A 304 -11.78 24.03 25.51
CA PHE A 304 -11.89 23.34 24.24
C PHE A 304 -13.31 22.80 24.01
N VAL A 305 -13.85 22.16 25.04
CA VAL A 305 -15.18 21.58 24.96
C VAL A 305 -16.23 22.69 24.82
N ASN A 306 -16.07 23.80 25.54
CA ASN A 306 -16.94 24.97 25.35
C ASN A 306 -16.96 25.37 23.88
N GLN A 307 -15.79 25.43 23.25
CA GLN A 307 -15.75 25.86 21.85
C GLN A 307 -16.43 24.84 20.93
N CYS A 308 -16.29 23.54 21.23
CA CYS A 308 -17.01 22.50 20.49
C CYS A 308 -18.52 22.66 20.62
N ARG A 309 -19.00 22.93 21.82
CA ARG A 309 -20.45 23.14 22.03
C ARG A 309 -20.95 24.36 21.25
N ARG A 310 -20.13 25.39 21.15
CA ARG A 310 -20.50 26.59 20.37
C ARG A 310 -20.62 26.24 18.88
N PHE A 311 -19.64 25.49 18.41
CA PHE A 311 -19.63 25.02 17.02
C PHE A 311 -20.88 24.19 16.75
N GLN A 312 -21.19 23.26 17.63
CA GLN A 312 -22.36 22.40 17.49
C GLN A 312 -23.64 23.22 17.38
N ALA A 313 -23.77 24.22 18.25
CA ALA A 313 -24.97 25.08 18.24
C ALA A 313 -25.07 25.88 16.95
N GLU A 314 -23.95 26.44 16.51
CA GLU A 314 -23.90 27.28 15.32
C GLU A 314 -24.27 26.53 14.03
N ARG A 315 -23.89 25.26 13.94
CA ARG A 315 -24.16 24.44 12.75
C ARG A 315 -25.50 23.67 12.88
N GLY A 316 -26.22 23.87 13.98
CA GLY A 316 -27.54 23.26 14.17
C GLY A 316 -27.53 21.75 14.35
N LEU A 317 -26.48 21.25 15.00
CA LEU A 317 -26.28 19.81 15.11
C LEU A 317 -26.94 19.17 16.33
N ASP A 318 -27.58 18.03 16.12
CA ASP A 318 -27.98 17.17 17.22
C ASP A 318 -26.77 16.50 17.85
N VAL A 319 -25.81 16.13 17.00
CA VAL A 319 -24.62 15.41 17.43
C VAL A 319 -23.41 15.95 16.68
N LEU A 320 -22.34 16.23 17.41
CA LEU A 320 -21.02 16.54 16.83
C LEU A 320 -20.01 15.43 17.19
N VAL A 321 -19.28 14.94 16.20
CA VAL A 321 -18.26 13.91 16.43
C VAL A 321 -16.92 14.44 15.99
N LEU A 322 -15.91 14.28 16.85
CA LEU A 322 -14.54 14.59 16.49
C LEU A 322 -13.85 13.26 16.26
N LEU A 323 -13.16 13.15 15.16
CA LEU A 323 -12.38 11.97 14.82
C LEU A 323 -10.93 12.39 14.67
N THR A 324 -10.07 12.01 15.63
CA THR A 324 -8.67 12.36 15.52
C THR A 324 -7.87 11.16 15.00
N SER A 325 -6.76 11.44 14.35
CA SER A 325 -5.84 10.38 13.93
C SER A 325 -4.44 10.93 13.84
N TRP A 326 -3.46 10.09 14.17
CA TRP A 326 -2.06 10.46 14.06
C TRP A 326 -1.15 9.24 14.03
N ARG A 327 0.12 9.48 13.72
CA ARG A 327 1.15 8.46 13.71
C ARG A 327 2.33 8.90 14.56
N LYS A 328 2.88 7.96 15.33
CA LYS A 328 4.10 8.18 16.09
CA LYS A 328 4.11 8.18 16.06
C LYS A 328 4.88 6.87 16.15
N ALA A 329 6.15 6.91 15.77
CA ALA A 329 7.00 5.73 15.79
C ALA A 329 6.38 4.57 14.99
N GLY A 330 5.79 4.89 13.84
CA GLY A 330 5.29 3.89 12.90
C GLY A 330 3.85 3.43 13.06
N ASP A 331 3.23 3.73 14.21
CA ASP A 331 1.93 3.16 14.55
C ASP A 331 0.82 4.21 14.48
N SER A 332 -0.31 3.82 13.90
CA SER A 332 -1.53 4.64 13.85
C SER A 332 -2.26 4.64 15.19
N HIS A 333 -2.85 5.80 15.51
CA HIS A 333 -3.72 5.94 16.67
C HIS A 333 -4.93 6.75 16.22
N ARG A 334 -6.07 6.49 16.85
CA ARG A 334 -7.30 7.26 16.61
C ARG A 334 -8.04 7.48 17.90
N GLU A 335 -8.84 8.54 17.91
CA GLU A 335 -9.79 8.80 19.00
C GLU A 335 -11.10 9.20 18.40
N LEU A 336 -12.16 9.03 19.19
CA LEU A 336 -13.49 9.47 18.81
C LEU A 336 -14.09 10.20 20.00
N VAL A 337 -14.55 11.43 19.76
CA VAL A 337 -15.21 12.24 20.79
C VAL A 337 -16.59 12.57 20.29
N ILE A 338 -17.59 12.46 21.16
CA ILE A 338 -18.97 12.72 20.75
C ILE A 338 -19.61 13.71 21.71
N LEU A 339 -20.35 14.65 21.14
CA LEU A 339 -21.12 15.64 21.92
C LEU A 339 -22.56 15.64 21.41
N GLY A 340 -23.53 15.52 22.31
CA GLY A 340 -24.94 15.55 21.90
C GLY A 340 -25.83 15.33 23.11
N ASP A 341 -27.11 15.07 22.87
CA ASP A 341 -28.04 14.75 23.96
C ASP A 341 -27.70 13.36 24.47
N SER A 342 -27.66 13.21 25.79
CA SER A 342 -27.18 11.98 26.42
C SER A 342 -27.88 10.72 25.96
N ASN A 343 -29.19 10.81 25.74
CA ASN A 343 -29.98 9.68 25.26
C ASN A 343 -29.49 9.14 23.91
N VAL A 344 -29.40 10.03 22.93
CA VAL A 344 -29.02 9.64 21.58
C VAL A 344 -27.56 9.21 21.53
N VAL A 345 -26.67 9.97 22.16
CA VAL A 345 -25.24 9.61 22.08
C VAL A 345 -24.91 8.28 22.77
N ARG A 346 -25.57 7.97 23.90
CA ARG A 346 -25.32 6.70 24.59
C ARG A 346 -25.69 5.52 23.66
N GLU A 347 -26.86 5.61 23.06
CA GLU A 347 -27.38 4.57 22.18
C GLU A 347 -26.50 4.37 20.96
N LEU A 348 -26.11 5.47 20.31
CA LEU A 348 -25.21 5.38 19.16
C LEU A 348 -23.89 4.73 19.53
N ILE A 349 -23.25 5.18 20.60
CA ILE A 349 -21.92 4.68 20.94
C ILE A 349 -21.99 3.22 21.37
N GLU A 350 -23.00 2.85 22.13
CA GLU A 350 -23.13 1.46 22.56
C GLU A 350 -23.25 0.50 21.37
N ARG A 351 -23.80 1.00 20.26
CA ARG A 351 -23.99 0.19 19.06
C ARG A 351 -22.79 0.11 18.13
N VAL A 352 -21.86 1.06 18.25
CA VAL A 352 -20.66 1.03 17.43
C VAL A 352 -19.39 0.73 18.23
N SER A 353 -19.49 0.63 19.56
CA SER A 353 -18.30 0.50 20.38
C SER A 353 -17.53 -0.79 20.13
N ASP A 354 -18.22 -1.90 19.89
CA ASP A 354 -17.54 -3.18 19.62
C ASP A 354 -16.77 -3.09 18.30
N LYS A 355 -17.43 -2.67 17.24
CA LYS A 355 -16.82 -2.61 15.91
C LYS A 355 -15.61 -1.67 15.90
N LEU A 356 -15.76 -0.51 16.52
CA LEU A 356 -14.70 0.51 16.57
C LEU A 356 -13.69 0.28 17.69
N GLN A 357 -13.93 -0.72 18.54
CA GLN A 357 -13.05 -1.01 19.67
C GLN A 357 -12.81 0.24 20.51
N LEU A 358 -13.90 0.88 20.92
CA LEU A 358 -13.84 2.13 21.69
C LEU A 358 -13.55 1.86 23.16
N GLN A 359 -12.67 2.68 23.73
CA GLN A 359 -12.34 2.62 25.15
C GLN A 359 -12.45 4.02 25.72
N LEU A 360 -13.37 4.21 26.66
CA LEU A 360 -13.59 5.51 27.28
C LEU A 360 -12.33 5.98 27.99
N PHE A 361 -11.95 7.24 27.76
CA PHE A 361 -10.89 7.87 28.53
C PHE A 361 -11.25 9.21 29.16
N GLY A 362 -12.42 9.76 28.80
CA GLY A 362 -12.87 11.00 29.37
C GLY A 362 -14.36 11.19 29.22
N GLY A 363 -14.95 11.97 30.12
CA GLY A 363 -16.36 12.25 30.02
C GLY A 363 -17.24 11.09 30.44
N ASN A 364 -18.45 11.07 29.92
CA ASN A 364 -19.49 10.12 30.34
C ASN A 364 -20.62 10.22 29.33
N LEU A 365 -21.04 9.10 28.75
CA LEU A 365 -22.15 9.13 27.78
C LEU A 365 -23.43 9.75 28.35
N ASP A 366 -23.68 9.52 29.64
CA ASP A 366 -24.84 10.11 30.30
C ASP A 366 -24.82 11.64 30.41
N GLY A 367 -23.63 12.24 30.29
CA GLY A 367 -23.48 13.69 30.27
C GLY A 367 -23.56 14.29 28.88
N GLY A 368 -23.58 13.44 27.86
CA GLY A 368 -23.65 13.91 26.49
C GLY A 368 -22.32 14.30 25.89
N VAL A 369 -21.22 14.16 26.63
CA VAL A 369 -19.85 14.36 26.10
C VAL A 369 -18.95 13.25 26.58
N ALA A 370 -18.37 12.50 25.64
CA ALA A 370 -17.53 11.35 25.98
C ALA A 370 -16.43 11.20 24.97
N MET A 371 -15.29 10.72 25.44
CA MET A 371 -14.07 10.66 24.66
C MET A 371 -13.52 9.26 24.71
N PHE A 372 -13.19 8.71 23.55
CA PHE A 372 -12.79 7.31 23.43
C PHE A 372 -11.50 7.15 22.66
N LYS A 373 -10.66 6.22 23.12
CA LYS A 373 -9.61 5.68 22.27
C LYS A 373 -10.32 4.78 21.27
N GLN A 374 -9.94 4.87 20.00
CA GLN A 374 -10.50 4.03 18.96
C GLN A 374 -9.43 3.04 18.51
N LEU A 375 -9.52 1.80 19.00
CA LEU A 375 -8.46 0.82 18.74
C LEU A 375 -8.60 0.15 17.36
N ASN A 376 -9.76 0.27 16.73
CA ASN A 376 -9.89 -0.05 15.30
C ASN A 376 -9.33 1.12 14.49
N VAL A 377 -8.02 1.08 14.25
CA VAL A 377 -7.34 2.18 13.57
C VAL A 377 -7.56 2.18 12.04
N GLU A 378 -8.15 1.13 11.51
CA GLU A 378 -8.47 1.08 10.09
C GLU A 378 -9.70 1.90 9.76
N ALA A 379 -10.59 2.08 10.73
CA ALA A 379 -11.87 2.78 10.50
C ALA A 379 -11.69 4.29 10.46
N THR A 380 -11.86 4.84 9.27
CA THR A 380 -11.82 6.28 9.07
C THR A 380 -13.24 6.83 9.11
N ARG A 381 -13.40 8.14 8.92
CA ARG A 381 -14.74 8.71 8.86
C ARG A 381 -15.63 8.03 7.82
N LYS A 382 -15.02 7.61 6.71
CA LYS A 382 -15.74 6.91 5.63
C LYS A 382 -16.41 5.63 6.13
N GLN A 383 -15.79 4.98 7.11
CA GLN A 383 -16.38 3.81 7.77
C GLN A 383 -17.25 4.17 8.97
N VAL A 384 -16.79 5.13 9.79
CA VAL A 384 -17.52 5.50 10.99
C VAL A 384 -18.94 6.01 10.66
N VAL A 385 -19.09 6.77 9.59
CA VAL A 385 -20.39 7.32 9.24
C VAL A 385 -21.45 6.23 8.99
N PRO A 386 -21.18 5.29 8.05
CA PRO A 386 -22.14 4.17 7.92
C PRO A 386 -22.42 3.38 9.20
N TYR A 387 -21.41 3.14 10.04
CA TYR A 387 -21.64 2.44 11.30
C TYR A 387 -22.62 3.23 12.14
N LEU A 388 -22.45 4.56 12.21
CA LEU A 388 -23.37 5.39 13.01
C LEU A 388 -24.76 5.48 12.39
N GLU A 389 -24.79 5.46 11.07
CA GLU A 389 -26.04 5.49 10.31
C GLU A 389 -26.85 4.23 10.60
N GLU A 390 -26.18 3.09 10.57
CA GLU A 390 -26.80 1.79 10.90
C GLU A 390 -27.25 1.75 12.36
N ALA A 391 -26.41 2.26 13.26
CA ALA A 391 -26.76 2.34 14.67
C ALA A 391 -28.01 3.19 14.84
N TYR A 392 -28.06 4.34 14.17
CA TYR A 392 -29.23 5.23 14.25
C TYR A 392 -30.52 4.58 13.70
N SER A 393 -30.38 3.76 12.66
CA SER A 393 -31.54 3.05 12.09
C SER A 393 -32.19 2.05 13.05
N ASN A 394 -31.45 1.65 14.07
CA ASN A 394 -31.95 0.68 15.05
C ASN A 394 -32.58 1.32 16.28
N LEU A 395 -32.44 2.63 16.40
CA LEU A 395 -33.06 3.36 17.51
C LEU A 395 -34.57 3.47 17.32
N GLU A 396 -35.30 3.34 18.42
CA GLU A 396 -36.75 3.33 18.37
C GLU A 396 -37.33 4.74 18.32
N GLU A 397 -38.44 4.88 17.58
CA GLU A 397 -39.39 6.00 17.69
C GLU A 397 -40.31 6.01 16.46
N LEU B 4 22.79 -9.39 -29.06
CA LEU B 4 21.72 -10.25 -28.44
C LEU B 4 22.35 -11.40 -27.65
N ARG B 5 22.33 -11.26 -26.32
CA ARG B 5 23.07 -12.15 -25.42
C ARG B 5 22.16 -13.25 -24.87
N LYS B 6 22.73 -14.15 -24.07
CA LYS B 6 21.96 -15.25 -23.49
C LYS B 6 20.87 -14.73 -22.55
N THR B 7 19.70 -15.34 -22.65
CA THR B 7 18.60 -15.15 -21.72
C THR B 7 18.90 -15.90 -20.42
N VAL B 8 18.01 -15.80 -19.44
CA VAL B 8 18.24 -16.43 -18.16
C VAL B 8 18.33 -17.96 -18.27
N PRO B 9 17.33 -18.61 -18.91
CA PRO B 9 17.49 -20.05 -19.06
C PRO B 9 18.74 -20.44 -19.88
N GLU B 10 19.10 -19.63 -20.86
CA GLU B 10 20.30 -19.92 -21.66
C GLU B 10 21.57 -19.80 -20.82
N PHE B 11 21.61 -18.79 -19.95
CA PHE B 11 22.70 -18.65 -18.99
C PHE B 11 22.81 -19.86 -18.06
N LEU B 12 21.69 -20.24 -17.46
CA LEU B 12 21.67 -21.38 -16.53
C LEU B 12 22.12 -22.69 -17.20
N ALA B 13 21.58 -22.94 -18.38
CA ALA B 13 21.98 -24.12 -19.17
C ALA B 13 23.46 -24.10 -19.49
N HIS B 14 23.99 -22.91 -19.78
CA HIS B 14 25.42 -22.75 -20.04
C HIS B 14 26.24 -23.12 -18.80
N LEU B 15 25.86 -22.60 -17.64
CA LEU B 15 26.53 -22.97 -16.38
C LEU B 15 26.55 -24.48 -16.15
N LYS B 16 25.40 -25.13 -16.36
CA LYS B 16 25.29 -26.59 -16.24
C LYS B 16 26.22 -27.34 -17.17
N SER B 17 26.48 -26.78 -18.35
CA SER B 17 27.29 -27.46 -19.36
C SER B 17 28.79 -27.41 -19.05
N LEU B 18 29.19 -26.47 -18.21
CA LEU B 18 30.61 -26.24 -17.92
C LEU B 18 31.18 -27.23 -16.92
N PRO B 19 32.46 -27.62 -17.09
CA PRO B 19 33.15 -28.41 -16.09
C PRO B 19 33.54 -27.55 -14.91
N ILE B 20 33.72 -28.17 -13.74
CA ILE B 20 34.00 -27.43 -12.52
C ILE B 20 35.22 -26.50 -12.65
N SER B 21 36.21 -26.93 -13.43
CA SER B 21 37.42 -26.14 -13.64
C SER B 21 37.12 -24.79 -14.31
N LYS B 22 36.04 -24.73 -15.07
CA LYS B 22 35.64 -23.50 -15.75
C LYS B 22 34.62 -22.69 -14.95
N ILE B 23 34.07 -23.26 -13.89
CA ILE B 23 33.16 -22.52 -13.02
C ILE B 23 33.98 -21.89 -11.90
N ALA B 24 34.82 -22.69 -11.25
CA ALA B 24 35.76 -22.15 -10.27
C ALA B 24 36.82 -21.34 -11.01
N SER B 25 37.42 -20.37 -10.32
CA SER B 25 38.45 -19.53 -10.91
C SER B 25 39.46 -19.15 -9.85
N ASN B 26 40.74 -19.43 -10.10
CA ASN B 26 41.80 -19.06 -9.18
C ASN B 26 41.51 -19.51 -7.75
N ASP B 27 41.13 -20.79 -7.63
CA ASP B 27 40.88 -21.46 -6.35
C ASP B 27 39.76 -20.84 -5.53
N VAL B 28 38.78 -20.25 -6.23
CA VAL B 28 37.55 -19.78 -5.63
C VAL B 28 36.38 -20.22 -6.49
N LEU B 29 35.38 -20.81 -5.85
CA LEU B 29 34.09 -21.08 -6.47
C LEU B 29 33.09 -20.18 -5.77
N THR B 30 32.36 -19.38 -6.53
CA THR B 30 31.44 -18.42 -5.96
C THR B 30 29.99 -18.78 -6.24
N ILE B 31 29.16 -18.68 -5.20
CA ILE B 31 27.73 -18.91 -5.31
C ILE B 31 26.98 -17.68 -4.84
N CYS B 32 25.67 -17.68 -5.10
CA CYS B 32 24.75 -16.71 -4.49
C CYS B 32 23.55 -17.49 -4.03
N VAL B 33 23.19 -17.35 -2.75
CA VAL B 33 22.09 -18.15 -2.17
C VAL B 33 21.14 -17.28 -1.37
N GLY B 34 19.84 -17.60 -1.48
CA GLY B 34 18.78 -16.96 -0.73
C GLY B 34 18.63 -17.63 0.64
N ASN B 35 17.46 -17.51 1.24
CA ASN B 35 17.22 -18.08 2.55
C ASN B 35 16.60 -19.48 2.49
N GLU B 36 16.54 -20.13 3.63
CA GLU B 36 16.11 -21.52 3.69
C GLU B 36 14.64 -21.75 3.32
N SER B 37 13.83 -20.69 3.28
CA SER B 37 12.42 -20.86 2.88
C SER B 37 12.28 -21.02 1.36
N ALA B 38 13.30 -20.61 0.60
CA ALA B 38 13.30 -20.77 -0.85
C ALA B 38 11.96 -20.32 -1.45
N ASP B 39 11.51 -19.14 -1.04
CA ASP B 39 10.30 -18.53 -1.63
C ASP B 39 10.65 -17.78 -2.91
N MET B 40 9.64 -17.20 -3.56
CA MET B 40 9.84 -16.42 -4.78
C MET B 40 10.96 -15.39 -4.65
N ASP B 41 10.99 -14.65 -3.55
CA ASP B 41 12.00 -13.61 -3.37
C ASP B 41 13.40 -14.21 -3.34
N SER B 42 13.60 -15.28 -2.58
CA SER B 42 14.93 -15.88 -2.47
C SER B 42 15.39 -16.44 -3.80
N ILE B 43 14.46 -17.03 -4.55
CA ILE B 43 14.77 -17.65 -5.83
C ILE B 43 15.04 -16.59 -6.89
N ALA B 44 14.14 -15.62 -7.00
CA ALA B 44 14.30 -14.53 -7.95
C ALA B 44 15.56 -13.74 -7.66
N SER B 45 15.84 -13.48 -6.39
CA SER B 45 17.00 -12.65 -6.03
C SER B 45 18.30 -13.34 -6.37
N ALA B 46 18.40 -14.65 -6.10
CA ALA B 46 19.66 -15.38 -6.35
C ALA B 46 19.93 -15.48 -7.84
N ILE B 47 18.90 -15.85 -8.60
CA ILE B 47 19.06 -16.02 -10.04
C ILE B 47 19.40 -14.67 -10.68
N THR B 48 18.69 -13.62 -10.26
CA THR B 48 18.94 -12.25 -10.77
C THR B 48 20.38 -11.82 -10.51
N TYR B 49 20.87 -12.02 -9.29
CA TYR B 49 22.23 -11.58 -8.96
C TYR B 49 23.25 -12.28 -9.86
N SER B 50 23.13 -13.61 -9.96
CA SER B 50 24.04 -14.39 -10.79
C SER B 50 24.01 -14.01 -12.27
N TYR B 51 22.81 -13.86 -12.82
CA TYR B 51 22.63 -13.52 -14.23
C TYR B 51 23.19 -12.13 -14.54
N CYS B 52 22.89 -11.18 -13.67
CA CYS B 52 23.37 -9.81 -13.89
C CYS B 52 24.89 -9.72 -13.82
N GLN B 53 25.50 -10.48 -12.93
CA GLN B 53 26.95 -10.52 -12.86
C GLN B 53 27.56 -11.08 -14.15
N TYR B 54 26.92 -12.12 -14.67
CA TYR B 54 27.33 -12.73 -15.94
C TYR B 54 27.28 -11.70 -17.07
N ILE B 55 26.19 -10.96 -17.15
CA ILE B 55 26.06 -9.97 -18.23
C ILE B 55 27.08 -8.85 -18.06
N TYR B 56 27.25 -8.41 -16.82
CA TYR B 56 28.21 -7.34 -16.50
C TYR B 56 29.61 -7.73 -16.95
N ASN B 57 29.99 -8.98 -16.67
CA ASN B 57 31.32 -9.47 -17.00
C ASN B 57 31.61 -9.59 -18.50
N GLU B 58 30.57 -9.67 -19.32
CA GLU B 58 30.74 -9.75 -20.78
C GLU B 58 30.36 -8.48 -21.52
N GLY B 59 30.33 -7.35 -20.82
CA GLY B 59 30.15 -6.05 -21.46
C GLY B 59 31.10 -5.01 -20.89
N THR B 60 31.03 -3.80 -21.44
CA THR B 60 31.85 -2.69 -20.99
C THR B 60 31.02 -1.71 -20.16
N TYR B 61 31.21 -1.77 -18.85
CA TYR B 61 30.45 -0.94 -17.92
C TYR B 61 31.34 -0.11 -16.99
N SER B 62 32.64 -0.13 -17.25
CA SER B 62 33.59 0.64 -16.48
C SER B 62 34.85 0.90 -17.34
N GLU B 63 35.65 1.87 -16.91
CA GLU B 63 36.90 2.23 -17.57
C GLU B 63 38.04 1.20 -17.44
N GLU B 64 37.97 0.37 -16.40
CA GLU B 64 38.97 -0.69 -16.17
C GLU B 64 38.20 -1.99 -15.95
N LYS B 65 38.39 -2.96 -16.85
CA LYS B 65 37.57 -4.17 -16.80
C LYS B 65 37.96 -5.02 -15.60
N LYS B 66 37.01 -5.25 -14.71
CA LYS B 66 37.26 -6.03 -13.50
C LYS B 66 37.46 -7.50 -13.83
N LYS B 67 38.36 -8.16 -13.10
CA LYS B 67 38.49 -9.62 -13.17
C LYS B 67 37.15 -10.21 -12.74
N GLY B 68 36.72 -11.27 -13.41
CA GLY B 68 35.39 -11.80 -13.17
C GLY B 68 35.33 -13.31 -13.15
N SER B 69 34.27 -13.81 -12.54
CA SER B 69 34.02 -15.25 -12.53
C SER B 69 32.53 -15.49 -12.47
N PHE B 70 32.13 -16.72 -12.79
CA PHE B 70 30.74 -17.12 -12.68
C PHE B 70 30.28 -17.12 -11.22
N ILE B 71 29.02 -16.77 -11.02
CA ILE B 71 28.37 -16.91 -9.73
C ILE B 71 27.25 -17.93 -9.93
N VAL B 72 27.30 -19.04 -9.21
CA VAL B 72 26.27 -20.08 -9.35
C VAL B 72 25.10 -19.74 -8.42
N PRO B 73 23.88 -19.54 -8.96
CA PRO B 73 22.76 -19.28 -8.05
C PRO B 73 22.28 -20.59 -7.41
N ILE B 74 22.11 -20.57 -6.10
CA ILE B 74 21.64 -21.74 -5.36
C ILE B 74 20.27 -21.49 -4.76
N ILE B 75 19.42 -22.51 -4.84
CA ILE B 75 18.12 -22.51 -4.19
C ILE B 75 18.24 -23.48 -3.02
N ASP B 76 18.07 -22.99 -1.79
CA ASP B 76 18.45 -23.76 -0.59
C ASP B 76 17.36 -24.72 -0.11
N ILE B 77 16.96 -25.61 -1.01
CA ILE B 77 16.08 -26.75 -0.71
C ILE B 77 16.48 -27.90 -1.61
N PRO B 78 16.00 -29.12 -1.29
CA PRO B 78 16.18 -30.23 -2.24
C PRO B 78 15.39 -29.95 -3.51
N ARG B 79 15.91 -30.40 -4.65
CA ARG B 79 15.26 -30.19 -5.94
C ARG B 79 13.77 -30.55 -5.91
N GLU B 80 13.42 -31.66 -5.29
CA GLU B 80 12.02 -32.13 -5.35
C GLU B 80 11.03 -31.26 -4.56
N ASP B 81 11.55 -30.39 -3.70
CA ASP B 81 10.71 -29.45 -2.94
C ASP B 81 10.24 -28.27 -3.79
N LEU B 82 10.85 -28.05 -4.95
CA LEU B 82 10.47 -26.89 -5.75
C LEU B 82 8.99 -26.96 -6.18
N SER B 83 8.51 -28.16 -6.51
CA SER B 83 7.12 -28.39 -6.93
C SER B 83 6.06 -27.90 -5.93
N LEU B 84 6.45 -27.77 -4.67
CA LEU B 84 5.53 -27.34 -3.62
C LEU B 84 5.23 -25.84 -3.70
N ARG B 85 6.06 -25.11 -4.43
CA ARG B 85 5.85 -23.68 -4.63
C ARG B 85 5.21 -23.44 -6.00
N ARG B 86 3.89 -23.56 -6.08
CA ARG B 86 3.23 -23.51 -7.39
C ARG B 86 3.34 -22.15 -8.06
N ASP B 87 3.42 -21.10 -7.24
CA ASP B 87 3.67 -19.75 -7.73
C ASP B 87 5.02 -19.65 -8.42
N VAL B 88 6.06 -20.17 -7.79
CA VAL B 88 7.40 -20.11 -8.34
C VAL B 88 7.47 -20.94 -9.62
N MET B 89 6.83 -22.10 -9.62
CA MET B 89 6.84 -22.95 -10.81
C MET B 89 6.24 -22.21 -12.00
N TYR B 90 5.14 -21.49 -11.77
CA TYR B 90 4.47 -20.72 -12.82
C TYR B 90 5.38 -19.64 -13.39
N VAL B 91 6.04 -18.89 -12.51
CA VAL B 91 6.94 -17.82 -12.94
C VAL B 91 8.14 -18.37 -13.70
N LEU B 92 8.75 -19.45 -13.21
CA LEU B 92 9.86 -20.09 -13.90
C LEU B 92 9.44 -20.56 -15.29
N GLU B 93 8.25 -21.13 -15.39
CA GLU B 93 7.71 -21.56 -16.68
C GLU B 93 7.48 -20.38 -17.64
N LYS B 94 7.08 -19.22 -17.12
CA LYS B 94 6.98 -18.02 -17.96
C LYS B 94 8.33 -17.69 -18.60
N LEU B 95 9.41 -17.84 -17.84
CA LEU B 95 10.75 -17.56 -18.35
C LEU B 95 11.39 -18.74 -19.10
N LYS B 96 10.65 -19.84 -19.25
CA LYS B 96 11.14 -21.06 -19.89
C LYS B 96 12.36 -21.66 -19.17
N ILE B 97 12.38 -21.49 -17.86
CA ILE B 97 13.43 -22.06 -17.02
C ILE B 97 12.95 -23.41 -16.52
N LYS B 98 13.84 -24.39 -16.61
CA LYS B 98 13.53 -25.77 -16.34
C LYS B 98 14.27 -26.21 -15.09
N GLU B 99 13.60 -27.01 -14.26
CA GLU B 99 14.18 -27.50 -13.01
C GLU B 99 15.61 -28.02 -13.17
N GLU B 100 15.86 -28.69 -14.29
CA GLU B 100 17.16 -29.31 -14.53
C GLU B 100 18.27 -28.28 -14.83
N GLU B 101 17.88 -27.04 -15.10
CA GLU B 101 18.81 -25.92 -15.30
C GLU B 101 19.11 -25.18 -14.00
N LEU B 102 18.41 -25.54 -12.92
CA LEU B 102 18.61 -24.87 -11.63
C LEU B 102 19.51 -25.69 -10.71
N PHE B 103 20.02 -25.02 -9.69
CA PHE B 103 20.96 -25.60 -8.74
C PHE B 103 20.34 -25.60 -7.35
N PHE B 104 20.30 -26.78 -6.72
CA PHE B 104 19.70 -26.95 -5.40
C PHE B 104 20.75 -27.45 -4.40
N ILE B 105 20.34 -27.88 -3.21
CA ILE B 105 21.30 -28.32 -2.20
C ILE B 105 22.17 -29.47 -2.71
N GLU B 106 21.55 -30.42 -3.41
CA GLU B 106 22.28 -31.57 -3.97
C GLU B 106 23.40 -31.09 -4.88
N ASP B 107 23.10 -30.08 -5.68
CA ASP B 107 24.07 -29.53 -6.62
C ASP B 107 25.21 -28.79 -5.90
N LEU B 108 24.87 -28.05 -4.84
CA LEU B 108 25.90 -27.39 -4.02
C LEU B 108 26.84 -28.41 -3.36
N LYS B 109 26.26 -29.47 -2.83
CA LYS B 109 27.03 -30.54 -2.20
C LYS B 109 28.02 -31.13 -3.20
N SER B 110 27.56 -31.36 -4.43
CA SER B 110 28.40 -31.94 -5.47
C SER B 110 29.52 -30.99 -5.91
N LEU B 111 29.21 -29.70 -6.00
CA LEU B 111 30.22 -28.70 -6.32
C LEU B 111 31.32 -28.70 -5.25
N LYS B 112 30.91 -28.69 -3.98
CA LYS B 112 31.84 -28.72 -2.85
C LYS B 112 32.71 -29.99 -2.91
N GLN B 113 32.12 -31.09 -3.35
CA GLN B 113 32.83 -32.36 -3.48
C GLN B 113 33.82 -32.40 -4.64
N ASN B 114 33.46 -31.77 -5.76
CA ASN B 114 34.22 -31.87 -7.00
C ASN B 114 35.27 -30.78 -7.17
N VAL B 115 35.28 -29.82 -6.24
CA VAL B 115 36.25 -28.74 -6.30
C VAL B 115 37.56 -29.22 -5.64
N SER B 116 38.68 -28.63 -6.01
CA SER B 116 39.98 -29.02 -5.47
C SER B 116 40.05 -28.68 -3.99
N GLN B 117 40.84 -29.44 -3.23
CA GLN B 117 40.93 -29.22 -1.77
C GLN B 117 41.42 -27.81 -1.46
N GLY B 118 42.12 -27.20 -2.43
CA GLY B 118 42.60 -25.83 -2.29
C GLY B 118 41.58 -24.74 -2.58
N THR B 119 40.40 -25.12 -3.05
CA THR B 119 39.41 -24.14 -3.50
C THR B 119 38.48 -23.71 -2.39
N GLU B 120 38.34 -22.40 -2.22
CA GLU B 120 37.38 -21.83 -1.29
C GLU B 120 36.02 -21.69 -1.95
N LEU B 121 34.97 -21.93 -1.18
CA LEU B 121 33.60 -21.71 -1.65
C LEU B 121 33.10 -20.44 -0.98
N ASN B 122 32.96 -19.38 -1.76
CA ASN B 122 32.52 -18.10 -1.24
C ASN B 122 31.12 -17.80 -1.72
N SER B 123 30.35 -17.08 -0.90
CA SER B 123 28.94 -16.88 -1.20
C SER B 123 28.53 -15.42 -1.09
N TYR B 124 27.71 -15.00 -2.05
CA TYR B 124 26.87 -13.84 -1.88
C TYR B 124 25.58 -14.32 -1.21
N LEU B 125 25.07 -13.53 -0.26
CA LEU B 125 23.78 -13.80 0.37
C LEU B 125 22.76 -12.80 -0.15
N VAL B 126 21.60 -13.30 -0.57
CA VAL B 126 20.46 -12.46 -0.84
C VAL B 126 19.28 -12.92 -0.01
N ASP B 127 18.42 -11.99 0.40
CA ASP B 127 17.20 -12.34 1.15
C ASP B 127 17.54 -13.01 2.51
N ASN B 128 18.79 -12.87 2.93
CA ASN B 128 19.20 -13.13 4.29
C ASN B 128 20.56 -12.46 4.51
N ASN B 129 20.96 -12.25 5.76
CA ASN B 129 22.26 -11.58 6.00
C ASN B 129 23.25 -12.37 6.85
N ASP B 130 22.93 -13.63 7.14
CA ASP B 130 23.90 -14.60 7.59
C ASP B 130 23.59 -15.91 6.89
N THR B 131 24.60 -16.76 6.79
CA THR B 131 24.53 -17.99 6.02
C THR B 131 23.46 -18.92 6.60
N PRO B 132 22.60 -19.50 5.74
CA PRO B 132 21.67 -20.51 6.23
C PRO B 132 22.41 -21.61 6.99
N LYS B 133 21.89 -21.99 8.14
CA LYS B 133 22.60 -22.92 9.03
C LYS B 133 22.93 -24.22 8.31
N ASN B 134 22.00 -24.70 7.49
CA ASN B 134 22.23 -25.96 6.78
C ASN B 134 23.40 -25.91 5.79
N LEU B 135 23.80 -24.70 5.39
CA LEU B 135 24.92 -24.51 4.48
C LEU B 135 26.23 -24.04 5.17
N LYS B 136 26.22 -23.91 6.50
CA LYS B 136 27.36 -23.30 7.23
C LYS B 136 28.71 -24.01 7.02
N ASN B 137 28.69 -25.33 6.90
CA ASN B 137 29.93 -26.09 6.67
C ASN B 137 30.40 -26.07 5.22
N TYR B 138 29.56 -25.58 4.30
CA TYR B 138 29.88 -25.54 2.87
C TYR B 138 30.57 -24.25 2.46
N ILE B 139 30.23 -23.15 3.15
CA ILE B 139 30.70 -21.82 2.76
C ILE B 139 31.87 -21.34 3.61
N ASP B 140 32.94 -20.90 2.93
CA ASP B 140 34.19 -20.48 3.56
C ASP B 140 34.19 -18.99 3.91
N ASN B 141 33.57 -18.19 3.04
CA ASN B 141 33.47 -16.74 3.24
C ASN B 141 32.17 -16.20 2.67
N VAL B 142 31.53 -15.28 3.38
CA VAL B 142 30.46 -14.47 2.81
C VAL B 142 31.11 -13.22 2.27
N VAL B 143 30.94 -12.96 0.98
CA VAL B 143 31.65 -11.86 0.35
C VAL B 143 30.79 -10.66 0.05
N GLY B 144 29.47 -10.84 -0.02
CA GLY B 144 28.54 -9.73 -0.30
C GLY B 144 27.14 -10.08 0.15
N ILE B 145 26.35 -9.07 0.48
CA ILE B 145 25.01 -9.27 1.03
C ILE B 145 24.06 -8.22 0.43
N ILE B 146 22.89 -8.67 -0.04
CA ILE B 146 21.77 -7.76 -0.28
C ILE B 146 20.54 -8.36 0.38
N ASP B 147 19.97 -7.64 1.35
CA ASP B 147 18.88 -8.21 2.17
C ASP B 147 17.96 -7.12 2.72
N HIS B 148 16.78 -7.54 3.16
CA HIS B 148 15.76 -6.67 3.72
C HIS B 148 15.20 -7.22 5.03
N HIS B 149 15.97 -8.03 5.75
CA HIS B 149 15.59 -8.53 7.06
C HIS B 149 16.32 -7.80 8.18
N PHE B 150 15.92 -8.07 9.42
CA PHE B 150 16.66 -7.59 10.60
C PHE B 150 18.16 -7.84 10.43
N ASP B 151 18.96 -6.81 10.64
CA ASP B 151 20.40 -6.92 10.45
C ASP B 151 21.08 -7.57 11.66
N LEU B 152 21.61 -8.76 11.45
CA LEU B 152 22.30 -9.51 12.49
C LEU B 152 23.72 -8.96 12.74
N GLN B 153 24.15 -8.00 11.91
CA GLN B 153 25.41 -7.25 12.09
C GLN B 153 26.65 -8.14 11.93
N LYS B 154 26.55 -9.12 11.04
CA LYS B 154 27.64 -10.03 10.72
C LYS B 154 28.20 -9.72 9.33
N HIS B 155 29.39 -10.23 9.05
CA HIS B 155 30.04 -9.98 7.76
C HIS B 155 30.02 -8.51 7.39
N LEU B 156 30.54 -7.69 8.31
CA LEU B 156 30.49 -6.24 8.18
C LEU B 156 31.38 -5.71 7.06
N ASP B 157 32.35 -6.49 6.62
CA ASP B 157 33.24 -6.08 5.54
C ASP B 157 32.75 -6.54 4.16
N ALA B 158 31.58 -7.17 4.10
CA ALA B 158 31.02 -7.64 2.81
C ALA B 158 30.85 -6.49 1.80
N GLU B 159 31.04 -6.80 0.53
CA GLU B 159 30.93 -5.79 -0.52
C GLU B 159 30.20 -6.44 -1.69
N PRO B 160 28.97 -5.97 -2.01
CA PRO B 160 28.21 -4.93 -1.34
C PRO B 160 27.70 -5.42 -0.01
N ARG B 161 27.19 -4.50 0.81
CA ARG B 161 26.50 -4.88 2.02
C ARG B 161 25.31 -3.96 2.16
N ILE B 162 24.22 -4.39 1.54
CA ILE B 162 22.99 -3.64 1.52
C ILE B 162 22.00 -4.39 2.40
N VAL B 163 21.70 -3.83 3.57
CA VAL B 163 20.65 -4.38 4.42
C VAL B 163 19.71 -3.24 4.80
N LYS B 164 18.54 -3.21 4.18
CA LYS B 164 17.63 -2.10 4.38
C LYS B 164 16.18 -2.46 4.06
N VAL B 165 15.28 -1.56 4.42
CA VAL B 165 13.86 -1.81 4.29
C VAL B 165 13.47 -1.95 2.81
N SER B 166 12.67 -2.97 2.52
CA SER B 166 12.18 -3.20 1.16
C SER B 166 11.01 -4.15 1.25
N GLY B 167 9.97 -3.94 0.44
CA GLY B 167 8.89 -4.91 0.34
C GLY B 167 9.45 -6.26 -0.08
N SER B 168 10.34 -6.23 -1.07
CA SER B 168 10.94 -7.41 -1.63
C SER B 168 12.44 -7.20 -1.75
N CYS B 169 13.21 -8.22 -1.40
CA CYS B 169 14.64 -8.15 -1.59
C CYS B 169 14.98 -7.99 -3.07
N SER B 170 14.16 -8.62 -3.91
CA SER B 170 14.36 -8.61 -5.35
C SER B 170 14.47 -7.15 -5.89
N SER B 171 13.75 -6.23 -5.28
CA SER B 171 13.85 -4.83 -5.66
C SER B 171 15.25 -4.22 -5.41
N LEU B 172 15.82 -4.54 -4.26
CA LEU B 172 17.18 -4.09 -3.90
C LEU B 172 18.23 -4.68 -4.84
N VAL B 173 18.11 -5.99 -5.10
CA VAL B 173 19.03 -6.67 -6.01
C VAL B 173 18.95 -6.06 -7.41
N PHE B 174 17.71 -5.90 -7.90
CA PHE B 174 17.47 -5.31 -9.22
C PHE B 174 18.04 -3.92 -9.34
N ASN B 175 17.73 -3.05 -8.37
CA ASN B 175 18.20 -1.67 -8.44
C ASN B 175 19.74 -1.59 -8.42
N TYR B 176 20.37 -2.41 -7.60
CA TYR B 176 21.83 -2.47 -7.54
C TYR B 176 22.40 -2.79 -8.92
N TRP B 177 21.88 -3.83 -9.55
CA TRP B 177 22.41 -4.25 -10.86
C TRP B 177 22.00 -3.34 -12.02
N TYR B 178 20.80 -2.76 -11.94
CA TYR B 178 20.34 -1.83 -12.95
C TYR B 178 21.32 -0.68 -13.06
N GLU B 179 21.80 -0.20 -11.92
CA GLU B 179 22.74 0.91 -11.93
C GLU B 179 24.11 0.49 -12.46
N LYS B 180 24.58 -0.70 -12.06
CA LYS B 180 25.85 -1.21 -12.57
C LYS B 180 25.84 -1.43 -14.09
N LEU B 181 24.68 -1.83 -14.62
CA LEU B 181 24.53 -2.18 -16.04
C LEU B 181 24.00 -0.99 -16.84
N GLN B 182 23.98 0.16 -16.20
CA GLN B 182 23.55 1.41 -16.82
C GLN B 182 22.17 1.27 -17.48
N GLY B 183 21.26 0.58 -16.79
CA GLY B 183 19.88 0.43 -17.25
C GLY B 183 19.65 -0.48 -18.44
N ASP B 184 20.62 -1.35 -18.72
CA ASP B 184 20.57 -2.23 -19.90
C ASP B 184 19.17 -2.82 -20.12
N ARG B 185 18.49 -2.36 -21.17
CA ARG B 185 17.10 -2.75 -21.45
C ARG B 185 16.87 -4.24 -21.71
N GLU B 186 17.83 -4.88 -22.38
CA GLU B 186 17.73 -6.31 -22.67
C GLU B 186 17.72 -7.14 -21.39
N VAL B 187 18.60 -6.78 -20.45
CA VAL B 187 18.66 -7.47 -19.17
C VAL B 187 17.34 -7.30 -18.44
N VAL B 188 16.84 -6.08 -18.38
CA VAL B 188 15.56 -5.81 -17.72
C VAL B 188 14.45 -6.65 -18.34
N MET B 189 14.37 -6.67 -19.66
CA MET B 189 13.40 -7.51 -20.35
C MET B 189 13.50 -8.98 -19.94
N ASN B 190 14.73 -9.48 -19.86
CA ASN B 190 14.98 -10.90 -19.58
C ASN B 190 14.72 -11.34 -18.15
N ILE B 191 14.82 -10.42 -17.20
CA ILE B 191 14.58 -10.75 -15.80
C ILE B 191 13.21 -10.28 -15.30
N ALA B 192 12.56 -9.39 -16.03
CA ALA B 192 11.33 -8.72 -15.52
C ALA B 192 10.29 -9.68 -14.93
N PRO B 193 9.91 -10.75 -15.65
CA PRO B 193 8.90 -11.66 -15.09
C PRO B 193 9.30 -12.28 -13.74
N LEU B 194 10.57 -12.58 -13.59
CA LEU B 194 11.11 -13.14 -12.37
C LEU B 194 11.08 -12.10 -11.24
N LEU B 195 11.64 -10.94 -11.53
CA LEU B 195 11.67 -9.84 -10.58
C LEU B 195 10.27 -9.44 -10.17
N MET B 196 9.38 -9.24 -11.13
CA MET B 196 8.01 -8.80 -10.83
C MET B 196 7.23 -9.87 -10.08
N GLY B 197 7.55 -11.14 -10.32
CA GLY B 197 6.91 -12.20 -9.55
C GLY B 197 7.16 -11.98 -8.07
N ALA B 198 8.42 -11.72 -7.73
CA ALA B 198 8.82 -11.50 -6.34
C ALA B 198 8.26 -10.20 -5.79
N ILE B 199 8.42 -9.11 -6.53
CA ILE B 199 7.94 -7.84 -6.01
C ILE B 199 6.42 -7.87 -5.79
N LEU B 200 5.68 -8.35 -6.80
CA LEU B 200 4.22 -8.34 -6.73
C LEU B 200 3.68 -9.28 -5.65
N ILE B 201 4.28 -10.45 -5.50
CA ILE B 201 3.80 -11.38 -4.48
C ILE B 201 4.12 -10.82 -3.07
N ASP B 202 5.29 -10.21 -2.92
CA ASP B 202 5.71 -9.69 -1.62
C ASP B 202 4.94 -8.48 -1.18
N THR B 203 4.53 -7.64 -2.14
CA THR B 203 3.82 -6.41 -1.82
C THR B 203 2.31 -6.50 -2.09
N SER B 204 1.81 -7.70 -2.32
CA SER B 204 0.41 -7.87 -2.68
C SER B 204 0.01 -6.92 -3.81
N ASN B 205 0.79 -6.95 -4.90
CA ASN B 205 0.57 -6.12 -6.07
C ASN B 205 0.68 -4.63 -5.77
N MET B 206 1.76 -4.28 -5.07
CA MET B 206 2.15 -2.90 -4.76
C MET B 206 1.11 -2.17 -3.90
N ARG B 207 0.46 -2.94 -3.03
CA ARG B 207 -0.57 -2.44 -2.13
C ARG B 207 -0.20 -2.54 -0.66
N ARG B 208 0.82 -3.34 -0.33
CA ARG B 208 1.27 -3.52 1.05
C ARG B 208 2.78 -3.60 1.10
N LYS B 209 3.36 -3.13 2.21
CA LYS B 209 4.81 -3.21 2.47
C LYS B 209 5.68 -2.51 1.44
N VAL B 210 5.09 -1.57 0.70
CA VAL B 210 5.83 -0.87 -0.38
C VAL B 210 6.85 0.11 0.19
N GLU B 211 8.06 0.04 -0.35
CA GLU B 211 9.14 0.97 -0.02
C GLU B 211 9.63 1.64 -1.31
N GLU B 212 10.46 2.68 -1.17
CA GLU B 212 11.03 3.37 -2.31
C GLU B 212 11.76 2.43 -3.28
N SER B 213 12.46 1.44 -2.74
CA SER B 213 13.15 0.45 -3.58
C SER B 213 12.18 -0.24 -4.55
N ASP B 214 11.04 -0.66 -4.02
CA ASP B 214 10.06 -1.38 -4.84
C ASP B 214 9.47 -0.46 -5.90
N LYS B 215 9.16 0.77 -5.50
CA LYS B 215 8.61 1.76 -6.44
C LYS B 215 9.57 2.00 -7.59
N LEU B 216 10.85 2.10 -7.28
CA LEU B 216 11.87 2.38 -8.30
C LEU B 216 12.08 1.19 -9.23
N ALA B 217 12.09 -0.01 -8.68
CA ALA B 217 12.23 -1.21 -9.49
C ALA B 217 11.08 -1.38 -10.45
N ILE B 218 9.86 -1.14 -9.96
CA ILE B 218 8.67 -1.20 -10.80
C ILE B 218 8.71 -0.15 -11.89
N GLU B 219 9.07 1.08 -11.53
CA GLU B 219 9.15 2.18 -12.51
C GLU B 219 10.11 1.84 -13.65
N ARG B 220 11.25 1.28 -13.28
CA ARG B 220 12.27 0.89 -14.24
C ARG B 220 11.79 -0.20 -15.18
N CYS B 221 11.05 -1.17 -14.64
CA CYS B 221 10.50 -2.27 -15.44
C CYS B 221 9.45 -1.77 -16.39
N GLN B 222 8.56 -0.92 -15.87
CA GLN B 222 7.52 -0.32 -16.70
C GLN B 222 8.09 0.42 -17.91
N ALA B 223 9.15 1.18 -17.68
CA ALA B 223 9.78 1.97 -18.74
C ALA B 223 10.34 1.08 -19.85
N VAL B 224 10.96 -0.03 -19.47
CA VAL B 224 11.53 -0.95 -20.44
C VAL B 224 10.46 -1.75 -21.18
N LEU B 225 9.50 -2.30 -20.43
CA LEU B 225 8.45 -3.16 -21.00
C LEU B 225 7.53 -2.41 -21.96
N SER B 226 7.36 -1.11 -21.74
CA SER B 226 6.60 -0.26 -22.65
C SER B 226 7.41 0.05 -23.90
N GLY B 227 8.70 0.35 -23.72
CA GLY B 227 9.54 0.84 -24.80
C GLY B 227 9.16 2.27 -25.14
N ALA B 228 9.47 2.70 -26.36
CA ALA B 228 9.08 4.03 -26.84
C ALA B 228 7.60 4.05 -27.22
N VAL B 229 6.81 4.87 -26.53
CA VAL B 229 5.37 5.00 -26.81
C VAL B 229 4.82 6.45 -26.79
N ASN B 230 5.32 7.27 -25.86
CA ASN B 230 4.78 8.62 -25.61
C ASN B 230 3.25 8.84 -25.43
N GLU B 231 2.50 7.76 -25.25
CA GLU B 231 1.28 7.77 -24.42
C GLU B 231 1.34 6.44 -23.68
N VAL B 232 1.06 6.47 -22.38
CA VAL B 232 1.09 5.27 -21.54
C VAL B 232 -0.32 4.70 -21.42
N SER B 233 -0.55 3.54 -22.02
CA SER B 233 -1.85 2.88 -21.91
C SER B 233 -1.98 2.13 -20.60
N ALA B 234 -3.20 1.70 -20.31
CA ALA B 234 -3.48 0.90 -19.14
C ALA B 234 -2.98 -0.53 -19.24
N GLN B 235 -2.48 -0.94 -20.41
CA GLN B 235 -2.17 -2.35 -20.67
C GLN B 235 -1.11 -2.95 -19.75
N GLY B 236 -0.02 -2.22 -19.53
CA GLY B 236 1.06 -2.70 -18.69
C GLY B 236 0.58 -3.10 -17.31
N LEU B 237 -0.17 -2.21 -16.66
CA LEU B 237 -0.69 -2.51 -15.33
C LEU B 237 -1.75 -3.59 -15.34
N GLU B 238 -2.56 -3.65 -16.39
CA GLU B 238 -3.53 -4.73 -16.55
C GLU B 238 -2.81 -6.08 -16.63
N ASP B 239 -1.73 -6.12 -17.39
CA ASP B 239 -0.90 -7.33 -17.50
C ASP B 239 -0.32 -7.73 -16.14
N SER B 240 0.22 -6.76 -15.40
CA SER B 240 0.76 -7.03 -14.06
C SER B 240 -0.29 -7.57 -13.11
N SER B 241 -1.48 -6.98 -13.16
CA SER B 241 -2.59 -7.41 -12.30
C SER B 241 -3.01 -8.83 -12.62
N GLU B 242 -3.08 -9.18 -13.89
CA GLU B 242 -3.46 -10.55 -14.28
C GLU B 242 -2.36 -11.54 -13.86
N PHE B 243 -1.10 -11.15 -14.05
CA PHE B 243 0.05 -11.95 -13.61
C PHE B 243 -0.01 -12.16 -12.09
N TYR B 244 -0.26 -11.08 -11.35
CA TYR B 244 -0.37 -11.19 -9.89
C TYR B 244 -1.48 -12.15 -9.48
N LYS B 245 -2.65 -12.02 -10.09
CA LYS B 245 -3.75 -12.92 -9.80
C LYS B 245 -3.37 -14.38 -9.99
N GLU B 246 -2.64 -14.67 -11.06
CA GLU B 246 -2.19 -16.05 -11.34
C GLU B 246 -1.23 -16.56 -10.28
N ILE B 247 -0.22 -15.76 -9.96
CA ILE B 247 0.79 -16.19 -8.97
C ILE B 247 0.21 -16.29 -7.56
N LYS B 248 -0.70 -15.37 -7.21
CA LYS B 248 -1.30 -15.38 -5.89
C LYS B 248 -2.21 -16.61 -5.70
N SER B 249 -3.01 -16.92 -6.71
CA SER B 249 -3.86 -18.12 -6.69
C SER B 249 -3.02 -19.37 -6.44
N ARG B 250 -1.87 -19.43 -7.10
CA ARG B 250 -1.01 -20.59 -6.99
C ARG B 250 -0.27 -20.67 -5.64
N LYS B 251 0.12 -19.53 -5.10
CA LYS B 251 0.72 -19.52 -3.76
C LYS B 251 -0.32 -19.96 -2.74
N ASN B 252 -1.58 -19.58 -2.97
CA ASN B 252 -2.68 -19.94 -2.07
C ASN B 252 -3.20 -21.36 -2.23
N ASP B 253 -2.64 -22.11 -3.19
CA ASP B 253 -3.11 -23.46 -3.50
C ASP B 253 -2.19 -24.56 -2.96
N ILE B 254 -2.64 -25.23 -1.91
CA ILE B 254 -1.89 -26.36 -1.34
C ILE B 254 -2.72 -27.66 -1.38
N LYS B 255 -3.75 -27.66 -2.21
CA LYS B 255 -4.52 -28.89 -2.47
C LYS B 255 -3.59 -29.96 -3.06
N GLY B 256 -3.78 -31.21 -2.67
CA GLY B 256 -3.01 -32.30 -3.24
C GLY B 256 -1.58 -32.47 -2.71
N PHE B 257 -1.26 -31.75 -1.64
CA PHE B 257 0.01 -31.91 -0.94
C PHE B 257 -0.22 -32.70 0.35
N SER B 258 0.82 -33.39 0.81
CA SER B 258 0.77 -34.05 2.12
C SER B 258 0.93 -33.05 3.25
N VAL B 259 0.68 -33.49 4.48
CA VAL B 259 0.90 -32.63 5.64
C VAL B 259 2.37 -32.24 5.70
N SER B 260 3.26 -33.21 5.52
CA SER B 260 4.70 -32.96 5.54
C SER B 260 5.07 -31.90 4.49
N ASP B 261 4.52 -32.04 3.30
CA ASP B 261 4.72 -31.07 2.22
C ASP B 261 4.32 -29.67 2.66
N ILE B 262 3.15 -29.55 3.28
CA ILE B 262 2.64 -28.25 3.73
C ILE B 262 3.54 -27.63 4.80
N LEU B 263 3.99 -28.45 5.73
CA LEU B 263 4.83 -27.99 6.84
C LEU B 263 6.23 -27.59 6.38
N LYS B 264 6.74 -28.21 5.32
CA LYS B 264 8.11 -27.92 4.89
C LYS B 264 8.23 -26.88 3.78
N LYS B 265 7.13 -26.50 3.13
CA LYS B 265 7.24 -25.66 1.92
C LYS B 265 7.49 -24.18 2.13
N ASP B 266 7.30 -23.69 3.36
CA ASP B 266 7.69 -22.32 3.72
C ASP B 266 8.05 -22.33 5.19
N TYR B 267 9.24 -22.87 5.45
CA TYR B 267 9.64 -23.29 6.78
C TYR B 267 10.97 -22.68 7.15
N LYS B 268 11.10 -22.26 8.40
CA LYS B 268 12.37 -21.77 8.92
C LYS B 268 12.61 -22.37 10.29
N GLN B 269 13.88 -22.66 10.57
CA GLN B 269 14.28 -23.30 11.80
C GLN B 269 15.33 -22.45 12.53
N PHE B 270 15.27 -22.47 13.85
CA PHE B 270 16.13 -21.65 14.70
C PHE B 270 16.58 -22.48 15.91
N ASN B 271 17.69 -22.08 16.51
CA ASN B 271 18.07 -22.61 17.81
C ASN B 271 18.21 -21.45 18.77
N PHE B 272 17.37 -21.42 19.80
CA PHE B 272 17.43 -20.37 20.81
C PHE B 272 18.41 -20.77 21.91
N GLN B 273 19.39 -19.91 22.18
CA GLN B 273 20.40 -20.21 23.21
C GLN B 273 21.18 -18.96 23.59
N GLY B 279 19.72 -25.00 24.99
CA GLY B 279 19.25 -24.61 23.66
C GLY B 279 17.86 -25.14 23.31
N LEU B 280 17.11 -24.38 22.53
CA LEU B 280 15.80 -24.83 22.04
C LEU B 280 15.82 -24.86 20.53
N GLU B 281 15.56 -26.04 19.97
CA GLU B 281 15.49 -26.21 18.52
C GLU B 281 14.03 -26.03 18.15
N ILE B 282 13.74 -25.01 17.36
CA ILE B 282 12.35 -24.65 17.06
C ILE B 282 12.17 -24.42 15.57
N GLY B 283 11.09 -24.97 15.02
CA GLY B 283 10.77 -24.84 13.62
C GLY B 283 9.43 -24.17 13.48
N LEU B 284 9.27 -23.36 12.45
CA LEU B 284 8.03 -22.62 12.23
C LEU B 284 7.63 -22.71 10.75
N SER B 285 6.43 -23.25 10.52
CA SER B 285 5.87 -23.44 9.19
C SER B 285 4.82 -22.37 8.94
N SER B 286 4.97 -21.60 7.86
CA SER B 286 3.96 -20.61 7.45
C SER B 286 3.02 -21.26 6.43
N ILE B 287 1.72 -21.16 6.68
CA ILE B 287 0.71 -21.87 5.88
C ILE B 287 -0.39 -20.88 5.45
N VAL B 288 -0.90 -21.07 4.24
CA VAL B 288 -1.89 -20.16 3.63
C VAL B 288 -3.37 -20.56 3.79
N LYS B 289 -3.64 -21.64 4.50
CA LYS B 289 -5.01 -22.07 4.80
C LYS B 289 -5.20 -22.25 6.31
N ARG B 290 -6.43 -22.08 6.76
CA ARG B 290 -6.75 -22.16 8.18
C ARG B 290 -6.79 -23.59 8.66
N MET B 291 -6.69 -23.75 9.97
CA MET B 291 -6.58 -25.08 10.59
C MET B 291 -7.76 -25.99 10.25
N SER B 292 -8.97 -25.44 10.23
CA SER B 292 -10.17 -26.23 9.96
C SER B 292 -10.14 -26.80 8.53
N TRP B 293 -9.56 -26.06 7.60
CA TRP B 293 -9.36 -26.54 6.23
C TRP B 293 -8.36 -27.69 6.20
N LEU B 294 -7.24 -27.51 6.89
CA LEU B 294 -6.19 -28.52 6.98
C LEU B 294 -6.70 -29.81 7.59
N PHE B 295 -7.47 -29.70 8.67
CA PHE B 295 -8.04 -30.89 9.31
C PHE B 295 -8.95 -31.67 8.36
N ASN B 296 -9.80 -30.94 7.63
CA ASN B 296 -10.76 -31.55 6.70
C ASN B 296 -10.09 -32.22 5.51
N GLU B 297 -8.96 -31.67 5.06
CA GLU B 297 -8.24 -32.23 3.92
C GLU B 297 -7.34 -33.40 4.29
N HIS B 298 -7.10 -33.60 5.59
CA HIS B 298 -6.07 -34.55 6.02
C HIS B 298 -6.53 -35.46 7.16
N GLY B 299 -7.74 -36.00 7.02
CA GLY B 299 -8.21 -37.07 7.89
C GLY B 299 -8.66 -36.65 9.27
N GLY B 300 -8.86 -35.35 9.47
CA GLY B 300 -9.34 -34.83 10.75
C GLY B 300 -8.23 -34.38 11.66
N GLU B 301 -8.61 -33.71 12.74
CA GLU B 301 -7.69 -33.07 13.66
C GLU B 301 -6.66 -33.99 14.32
N ALA B 302 -7.10 -35.14 14.84
CA ALA B 302 -6.18 -36.06 15.51
C ALA B 302 -5.09 -36.53 14.54
N ASP B 303 -5.52 -36.99 13.36
CA ASP B 303 -4.62 -37.47 12.31
C ASP B 303 -3.64 -36.37 11.92
N PHE B 304 -4.16 -35.18 11.62
CA PHE B 304 -3.32 -34.04 11.26
C PHE B 304 -2.24 -33.76 12.32
N VAL B 305 -2.67 -33.66 13.57
CA VAL B 305 -1.74 -33.38 14.67
C VAL B 305 -0.67 -34.46 14.80
N ASN B 306 -1.03 -35.73 14.62
CA ASN B 306 -0.03 -36.79 14.68
C ASN B 306 0.99 -36.68 13.55
N GLN B 307 0.53 -36.27 12.38
CA GLN B 307 1.42 -36.01 11.25
C GLN B 307 2.37 -34.84 11.54
N CYS B 308 1.86 -33.81 12.23
CA CYS B 308 2.70 -32.72 12.73
C CYS B 308 3.73 -33.22 13.73
N ARG B 309 3.28 -34.08 14.65
CA ARG B 309 4.20 -34.66 15.61
C ARG B 309 5.32 -35.45 14.92
N ARG B 310 4.97 -36.18 13.86
CA ARG B 310 5.98 -36.91 13.06
C ARG B 310 6.98 -35.96 12.41
N PHE B 311 6.48 -34.87 11.82
CA PHE B 311 7.34 -33.87 11.20
C PHE B 311 8.33 -33.29 12.20
N GLN B 312 7.83 -32.99 13.39
CA GLN B 312 8.64 -32.45 14.49
C GLN B 312 9.75 -33.41 14.90
N ALA B 313 9.40 -34.69 15.07
CA ALA B 313 10.35 -35.73 15.45
C ALA B 313 11.50 -35.87 14.45
N GLU B 314 11.17 -35.91 13.17
CA GLU B 314 12.15 -36.08 12.08
C GLU B 314 13.25 -35.02 12.07
N ARG B 315 12.93 -33.82 12.54
CA ARG B 315 13.87 -32.71 12.51
C ARG B 315 14.45 -32.38 13.88
N GLY B 316 14.22 -33.26 14.84
CA GLY B 316 14.76 -33.10 16.19
C GLY B 316 14.30 -31.83 16.88
N LEU B 317 13.08 -31.40 16.58
CA LEU B 317 12.58 -30.14 17.12
C LEU B 317 12.02 -30.30 18.52
N ASP B 318 12.45 -29.42 19.41
CA ASP B 318 11.83 -29.29 20.72
C ASP B 318 10.43 -28.69 20.58
N VAL B 319 10.27 -27.81 19.59
CA VAL B 319 9.00 -27.12 19.41
C VAL B 319 8.72 -26.94 17.92
N LEU B 320 7.49 -27.23 17.51
CA LEU B 320 7.00 -26.93 16.17
C LEU B 320 5.86 -25.92 16.26
N VAL B 321 5.94 -24.86 15.46
CA VAL B 321 4.91 -23.83 15.40
C VAL B 321 4.33 -23.75 14.00
N LEU B 322 3.00 -23.76 13.90
CA LEU B 322 2.30 -23.53 12.64
C LEU B 322 1.70 -22.13 12.70
N LEU B 323 1.96 -21.35 11.67
CA LEU B 323 1.45 -20.00 11.59
C LEU B 323 0.62 -19.94 10.32
N THR B 324 -0.70 -19.81 10.46
CA THR B 324 -1.57 -19.71 9.31
C THR B 324 -1.98 -18.27 9.10
N SER B 325 -2.19 -17.90 7.83
CA SER B 325 -2.72 -16.59 7.52
C SER B 325 -3.56 -16.69 6.25
N TRP B 326 -4.57 -15.84 6.18
CA TRP B 326 -5.42 -15.74 5.01
C TRP B 326 -6.20 -14.44 5.08
N ARG B 327 -6.91 -14.12 4.00
CA ARG B 327 -7.70 -12.90 3.93
C ARG B 327 -9.10 -13.22 3.44
N LYS B 328 -10.08 -12.54 4.03
CA LYS B 328 -11.46 -12.59 3.55
C LYS B 328 -12.06 -11.21 3.71
N ALA B 329 -12.73 -10.72 2.66
CA ALA B 329 -13.31 -9.39 2.64
C ALA B 329 -12.28 -8.32 3.03
N GLY B 330 -11.06 -8.47 2.50
CA GLY B 330 -9.98 -7.51 2.74
C GLY B 330 -9.34 -7.56 4.11
N ASP B 331 -9.90 -8.37 5.02
CA ASP B 331 -9.42 -8.45 6.39
C ASP B 331 -8.54 -9.68 6.59
N SER B 332 -7.39 -9.47 7.23
CA SER B 332 -6.45 -10.54 7.54
C SER B 332 -6.92 -11.34 8.75
N HIS B 333 -6.62 -12.64 8.72
CA HIS B 333 -6.83 -13.53 9.84
C HIS B 333 -5.57 -14.37 10.03
N ARG B 334 -5.23 -14.70 11.27
CA ARG B 334 -4.10 -15.59 11.55
C ARG B 334 -4.41 -16.53 12.70
N GLU B 335 -3.77 -17.70 12.67
CA GLU B 335 -3.77 -18.62 13.80
C GLU B 335 -2.34 -19.02 14.13
N LEU B 336 -2.14 -19.45 15.38
CA LEU B 336 -0.87 -20.02 15.83
C LEU B 336 -1.14 -21.36 16.50
N VAL B 337 -0.43 -22.38 16.07
CA VAL B 337 -0.53 -23.71 16.65
C VAL B 337 0.86 -24.12 17.12
N ILE B 338 0.96 -24.67 18.33
CA ILE B 338 2.25 -25.01 18.89
C ILE B 338 2.25 -26.44 19.44
N LEU B 339 3.32 -27.18 19.13
CA LEU B 339 3.51 -28.56 19.57
C LEU B 339 4.86 -28.66 20.29
N GLY B 340 4.91 -29.37 21.40
CA GLY B 340 6.16 -29.58 22.11
C GLY B 340 5.93 -30.19 23.47
N ASP B 341 6.96 -30.16 24.31
CA ASP B 341 6.86 -30.60 25.70
C ASP B 341 5.75 -29.79 26.39
N SER B 342 4.94 -30.48 27.16
CA SER B 342 3.79 -29.90 27.84
C SER B 342 4.14 -28.62 28.60
N ASN B 343 5.22 -28.66 29.37
CA ASN B 343 5.63 -27.53 30.20
C ASN B 343 6.23 -26.38 29.39
N VAL B 344 7.16 -26.70 28.50
CA VAL B 344 7.82 -25.71 27.65
C VAL B 344 6.80 -24.92 26.83
N VAL B 345 5.87 -25.63 26.20
CA VAL B 345 4.83 -25.01 25.38
C VAL B 345 3.96 -24.02 26.17
N ARG B 346 3.53 -24.42 27.36
CA ARG B 346 2.68 -23.56 28.18
C ARG B 346 3.43 -22.28 28.54
N GLU B 347 4.70 -22.44 28.88
CA GLU B 347 5.52 -21.33 29.35
C GLU B 347 5.77 -20.33 28.25
N LEU B 348 6.04 -20.80 27.03
CA LEU B 348 6.21 -19.89 25.90
C LEU B 348 4.90 -19.14 25.62
N ILE B 349 3.78 -19.85 25.63
CA ILE B 349 2.49 -19.22 25.33
C ILE B 349 2.13 -18.17 26.39
N GLU B 350 2.38 -18.50 27.66
CA GLU B 350 2.17 -17.56 28.76
C GLU B 350 2.90 -16.24 28.55
N ARG B 351 4.03 -16.29 27.86
CA ARG B 351 4.87 -15.11 27.68
C ARG B 351 4.56 -14.32 26.41
N VAL B 352 3.98 -14.96 25.39
CA VAL B 352 3.67 -14.27 24.14
C VAL B 352 2.19 -14.03 23.87
N SER B 353 1.30 -14.58 24.70
CA SER B 353 -0.14 -14.50 24.46
C SER B 353 -0.71 -13.08 24.38
N ASP B 354 -0.25 -12.19 25.25
CA ASP B 354 -0.73 -10.81 25.25
C ASP B 354 -0.32 -10.06 23.98
N LYS B 355 0.96 -10.18 23.62
CA LYS B 355 1.49 -9.42 22.49
C LYS B 355 0.88 -9.88 21.17
N LEU B 356 0.67 -11.19 21.04
CA LEU B 356 0.09 -11.77 19.83
C LEU B 356 -1.44 -11.82 19.90
N GLN B 357 -2.01 -11.48 21.05
CA GLN B 357 -3.46 -11.52 21.26
C GLN B 357 -4.05 -12.89 20.93
N LEU B 358 -3.50 -13.92 21.57
CA LEU B 358 -3.88 -15.29 21.31
C LEU B 358 -5.16 -15.66 22.05
N GLN B 359 -6.05 -16.37 21.35
CA GLN B 359 -7.26 -16.93 21.95
C GLN B 359 -7.35 -18.42 21.61
N LEU B 360 -7.30 -19.26 22.64
CA LEU B 360 -7.35 -20.70 22.46
C LEU B 360 -8.67 -21.13 21.80
N PHE B 361 -8.57 -21.96 20.77
CA PHE B 361 -9.76 -22.59 20.18
C PHE B 361 -9.64 -24.12 20.05
N GLY B 362 -8.46 -24.66 20.34
CA GLY B 362 -8.22 -26.09 20.16
C GLY B 362 -7.07 -26.62 21.00
N GLY B 363 -7.07 -27.92 21.21
CA GLY B 363 -6.06 -28.58 22.03
C GLY B 363 -6.19 -28.15 23.48
N ASN B 364 -5.04 -27.97 24.13
CA ASN B 364 -5.00 -27.61 25.53
C ASN B 364 -3.61 -27.11 25.90
N LEU B 365 -3.56 -26.01 26.67
CA LEU B 365 -2.29 -25.44 27.15
C LEU B 365 -1.40 -26.46 27.84
N ASP B 366 -2.04 -27.45 28.48
CA ASP B 366 -1.39 -28.41 29.36
C ASP B 366 -1.01 -29.74 28.71
N GLY B 367 -1.35 -29.93 27.44
CA GLY B 367 -1.15 -31.23 26.79
C GLY B 367 -0.10 -31.24 25.69
N GLY B 368 0.67 -30.15 25.58
CA GLY B 368 1.76 -30.07 24.60
C GLY B 368 1.33 -29.73 23.17
N VAL B 369 0.03 -29.54 22.96
CA VAL B 369 -0.51 -29.11 21.66
C VAL B 369 -1.64 -28.11 21.91
N ALA B 370 -1.47 -26.89 21.45
CA ALA B 370 -2.46 -25.84 21.66
C ALA B 370 -2.65 -25.03 20.38
N MET B 371 -3.90 -24.61 20.15
CA MET B 371 -4.28 -23.92 18.91
C MET B 371 -4.98 -22.60 19.23
N PHE B 372 -4.48 -21.51 18.65
CA PHE B 372 -4.93 -20.17 18.98
C PHE B 372 -5.33 -19.36 17.75
N LYS B 373 -6.38 -18.56 17.91
CA LYS B 373 -6.62 -17.45 17.01
C LYS B 373 -5.59 -16.40 17.37
N GLN B 374 -4.94 -15.81 16.38
CA GLN B 374 -3.95 -14.76 16.64
C GLN B 374 -4.52 -13.45 16.20
N LEU B 375 -4.97 -12.64 17.14
CA LEU B 375 -5.69 -11.40 16.80
C LEU B 375 -4.78 -10.24 16.43
N ASN B 376 -3.51 -10.32 16.80
CA ASN B 376 -2.50 -9.40 16.27
C ASN B 376 -2.13 -9.89 14.88
N VAL B 377 -2.87 -9.41 13.89
CA VAL B 377 -2.67 -9.86 12.51
C VAL B 377 -1.51 -9.16 11.81
N GLU B 378 -0.94 -8.13 12.45
CA GLU B 378 0.26 -7.48 11.92
C GLU B 378 1.52 -8.30 12.16
N ALA B 379 1.46 -9.23 13.11
CA ALA B 379 2.63 -10.04 13.48
C ALA B 379 2.79 -11.23 12.54
N THR B 380 3.79 -11.16 11.68
CA THR B 380 4.16 -12.25 10.80
C THR B 380 5.19 -13.12 11.49
N ARG B 381 5.69 -14.15 10.81
CA ARG B 381 6.74 -14.96 11.40
C ARG B 381 7.95 -14.12 11.77
N LYS B 382 8.22 -13.05 11.01
CA LYS B 382 9.33 -12.15 11.33
C LYS B 382 9.25 -11.54 12.72
N GLN B 383 8.03 -11.38 13.23
CA GLN B 383 7.81 -10.83 14.57
C GLN B 383 7.63 -11.94 15.60
N VAL B 384 6.93 -13.00 15.22
CA VAL B 384 6.69 -14.11 16.12
C VAL B 384 7.99 -14.72 16.63
N VAL B 385 8.98 -14.85 15.77
CA VAL B 385 10.22 -15.52 16.17
C VAL B 385 10.95 -14.74 17.29
N PRO B 386 11.21 -13.43 17.10
CA PRO B 386 11.78 -12.63 18.19
C PRO B 386 10.96 -12.62 19.48
N TYR B 387 9.64 -12.62 19.39
CA TYR B 387 8.80 -12.74 20.59
C TYR B 387 9.07 -14.07 21.32
N LEU B 388 9.20 -15.15 20.56
CA LEU B 388 9.45 -16.46 21.16
C LEU B 388 10.87 -16.55 21.71
N GLU B 389 11.83 -15.97 21.00
CA GLU B 389 13.21 -15.93 21.49
C GLU B 389 13.30 -15.16 22.81
N GLU B 390 12.63 -14.02 22.86
CA GLU B 390 12.54 -13.19 24.07
C GLU B 390 11.82 -13.94 25.19
N ALA B 391 10.79 -14.69 24.83
CA ALA B 391 10.09 -15.52 25.81
C ALA B 391 11.01 -16.60 26.38
N TYR B 392 11.78 -17.25 25.51
CA TYR B 392 12.67 -18.32 25.95
C TYR B 392 13.79 -17.78 26.84
N SER B 393 14.33 -16.60 26.52
CA SER B 393 15.33 -15.95 27.36
C SER B 393 14.78 -15.60 28.75
N ASN B 394 13.58 -15.03 28.77
CA ASN B 394 12.84 -14.77 30.02
C ASN B 394 12.74 -16.06 30.86
N LEU B 395 12.41 -17.17 30.21
CA LEU B 395 12.21 -18.47 30.89
C LEU B 395 13.51 -19.07 31.41
N GLU B 396 14.54 -19.07 30.57
CA GLU B 396 15.71 -19.92 30.77
C GLU B 396 16.87 -19.22 31.49
N GLU B 397 16.93 -17.89 31.42
CA GLU B 397 18.06 -17.16 32.01
C GLU B 397 17.90 -16.91 33.50
CO CO C . -11.43 11.79 -2.28
CO CO D . -11.00 12.89 3.79
P PO4 E . -12.43 12.46 0.82
O1 PO4 E . -12.55 13.95 0.54
O2 PO4 E . -12.12 11.61 -0.43
O3 PO4 E . -11.31 12.22 1.82
O4 PO4 E . -13.77 12.02 1.33
P PO4 F . -10.43 10.59 7.83
O1 PO4 F . -10.62 9.88 6.51
O2 PO4 F . -11.08 9.82 8.94
O3 PO4 F . -8.95 10.72 8.06
O4 PO4 F . -11.05 11.96 7.75
P PO4 G . -13.53 10.89 4.64
O1 PO4 G . -14.95 11.17 5.06
O2 PO4 G . -12.71 12.16 4.64
O3 PO4 G . -12.96 9.81 5.53
O4 PO4 G . -13.59 10.26 3.25
C ACT H . -17.95 9.92 4.31
O ACT H . -17.16 10.00 5.26
OXT ACT H . -17.65 10.59 3.30
CH3 ACT H . -19.18 9.06 4.36
C ACT I . 2.35 8.05 6.70
O ACT I . 2.69 6.85 6.70
OXT ACT I . 1.38 8.37 7.41
CH3 ACT I . 3.06 9.04 5.86
C1 EDO J . 4.13 4.18 -7.07
O1 EDO J . 5.41 4.77 -7.30
C2 EDO J . 4.27 2.67 -6.90
O2 EDO J . 3.12 1.98 -7.33
CO CO K . 12.42 -11.52 1.13
CO CO L . 8.18 -15.27 3.86
P PO4 M . 11.13 -13.86 3.29
O1 PO4 M . 11.70 -14.09 4.67
O2 PO4 M . 11.59 -12.49 2.80
O3 PO4 M . 11.65 -15.02 2.45
O4 PO4 M . 9.62 -13.87 3.29
P PO4 N . 9.14 -14.61 7.04
O1 PO4 N . 7.95 -13.98 7.73
O2 PO4 N . 8.65 -15.44 5.88
O3 PO4 N . 10.02 -13.45 6.58
O4 PO4 N . 9.95 -15.43 8.01
P PO4 O . 4.70 -14.93 6.99
O1 PO4 O . 5.65 -13.79 6.71
O2 PO4 O . 4.39 -15.01 8.47
O3 PO4 O . 3.43 -14.68 6.21
O4 PO4 O . 5.33 -16.25 6.57
C ACT P . 36.36 2.28 -12.74
O ACT P . 37.52 2.06 -13.17
OXT ACT P . 35.12 2.43 -12.83
CH3 ACT P . 36.11 1.92 -14.15
C1 EDO Q . 16.37 -4.13 7.18
O1 EDO Q . 17.31 -4.35 8.24
C2 EDO Q . 15.00 -3.75 7.74
O2 EDO Q . 14.38 -4.84 8.42
C1 EDO R . -8.77 -20.04 4.88
O1 EDO R . -8.43 -21.41 4.66
C2 EDO R . -8.41 -19.19 3.67
O2 EDO R . -8.91 -19.76 2.45
C1 EDO S . 9.30 -6.48 4.78
O1 EDO S . 9.36 -5.06 4.69
C2 EDO S . 9.42 -7.03 3.37
O2 EDO S . 8.39 -7.95 3.09
#